data_4DO3
#
_entry.id   4DO3
#
_cell.length_a   103.470
_cell.length_b   104.370
_cell.length_c   147.620
_cell.angle_alpha   90.00
_cell.angle_beta   90.00
_cell.angle_gamma   90.00
#
_symmetry.space_group_name_H-M   'P 21 21 21'
#
loop_
_entity.id
_entity.type
_entity.pdbx_description
1 polymer 'Fatty-acid amide hydrolase 1'
2 non-polymer 'CHLORIDE ION'
3 non-polymer 'CYCLOHEXANE AMINOCARBOXYLIC ACID'
4 non-polymer '(2S)-2-(6-chloro-9H-carbazol-2-yl)propanoic acid'
5 water water
#
_entity_poly.entity_id   1
_entity_poly.type   'polypeptide(L)'
_entity_poly.pdbx_seq_one_letter_code
;MGSSHHHHHHSSGLVPRGSHMTGRQKARGAATRARQKQRASLETMDKAVQRFRLQNPDLDSEALLTLPLLQLVQKLQSGE
LSPEAVFFTYLGKAWEVNKGTNCVTSYLTDCETQLSQAPRQGLLYGVPVSLKECFSYKGHDSTLGLSLNEGMPSESDCVV
VQVLKLQGAVPFVHTNVPQSMLSFDCSNPLFGQTMNPWKSSKSPGGSSGGEGALIGSGGSPLGLGTDIGGSIRFPSAFCG
ICGLKPTGNRLSKSGLKGCVYGQTAVQLSLGPMARDVESLALCLKALLCEHLFTLDPTVPPLPFREEVYRSSRPLRVGYY
ETDNYTMPSPAMRRALIETKQRLEAAGHTLIPFLPNNIPYALEVLSAGGLFSDGGRSFLQNFKGDFVDPCLGDLILILRL
PSWFKRLLSLLLKPLFPRLAAFLNSMRPRSAEKLWKLQHEIEMYRQSVIAQWKAMNLDVLLTPMLGPALDLNTPGRATGA
ISYTVLYNCLDFPAGVVPVTTVTAEDDAQMELYKGYFGDIWDIILKKAMKNSVGLPVAVQCVALPWQEELCLRFMREVEQ
LMTPQHHHHHH
;
_entity_poly.pdbx_strand_id   A,B
#
loop_
_chem_comp.id
_chem_comp.type
_chem_comp.name
_chem_comp.formula
0LA non-polymer '(2S)-2-(6-chloro-9H-carbazol-2-yl)propanoic acid' 'C15 H12 Cl N O2'
CL non-polymer 'CHLORIDE ION' 'Cl -1'
OHO non-polymer 'CYCLOHEXANE AMINOCARBOXYLIC ACID' 'C7 H13 N O2'
#
# COMPACT_ATOMS: atom_id res chain seq x y z
N GLY A 23 11.46 18.05 -35.55
CA GLY A 23 11.09 16.57 -35.62
C GLY A 23 9.60 16.19 -35.30
N ARG A 24 8.65 16.99 -35.83
CA ARG A 24 7.23 16.88 -35.54
C ARG A 24 6.37 16.10 -36.56
N GLN A 25 6.96 15.66 -37.66
CA GLN A 25 6.16 14.96 -38.68
C GLN A 25 5.38 13.75 -38.14
N LYS A 26 6.06 12.85 -37.44
CA LYS A 26 5.36 11.77 -36.70
C LYS A 26 4.24 12.25 -35.73
N ALA A 27 4.50 13.30 -34.96
CA ALA A 27 3.46 13.84 -34.14
C ALA A 27 2.25 14.32 -35.01
N ARG A 28 2.49 14.99 -36.14
CA ARG A 28 1.39 15.43 -37.09
C ARG A 28 0.61 14.22 -37.59
N GLY A 29 1.34 13.19 -38.02
CA GLY A 29 0.68 11.95 -38.45
C GLY A 29 -0.23 11.38 -37.38
N ALA A 30 0.28 11.35 -36.13
CA ALA A 30 -0.50 10.81 -35.00
C ALA A 30 -1.76 11.63 -34.79
N ALA A 31 -1.66 12.96 -34.89
CA ALA A 31 -2.86 13.80 -34.70
C ALA A 31 -3.87 13.53 -35.85
N THR A 32 -3.39 13.38 -37.08
CA THR A 32 -4.28 13.11 -38.17
C THR A 32 -4.98 11.82 -37.93
N ARG A 33 -4.25 10.77 -37.56
CA ARG A 33 -4.93 9.49 -37.33
C ARG A 33 -5.92 9.48 -36.16
N ALA A 34 -5.57 10.17 -35.06
CA ALA A 34 -6.44 10.17 -33.89
C ALA A 34 -7.66 10.95 -34.30
N ARG A 35 -7.48 12.05 -35.05
CA ARG A 35 -8.65 12.88 -35.39
C ARG A 35 -9.59 12.09 -36.26
N GLN A 36 -9.04 11.25 -37.12
CA GLN A 36 -9.88 10.42 -38.01
C GLN A 36 -10.55 9.35 -37.20
N LYS A 37 -9.85 8.79 -36.20
CA LYS A 37 -10.57 7.83 -35.37
C LYS A 37 -11.70 8.53 -34.58
N GLN A 38 -11.43 9.71 -34.05
CA GLN A 38 -12.52 10.32 -33.28
C GLN A 38 -13.70 10.63 -34.21
N ARG A 39 -13.44 11.22 -35.35
CA ARG A 39 -14.49 11.53 -36.34
C ARG A 39 -15.28 10.25 -36.70
N ALA A 40 -14.60 9.18 -37.15
CA ALA A 40 -15.32 7.92 -37.46
C ALA A 40 -16.19 7.44 -36.30
N SER A 41 -15.65 7.56 -35.07
CA SER A 41 -16.38 7.15 -33.87
C SER A 41 -17.65 7.93 -33.78
N LEU A 42 -17.59 9.24 -33.84
CA LEU A 42 -18.76 10.06 -33.78
C LEU A 42 -19.78 9.73 -34.93
N GLU A 43 -19.30 9.49 -36.14
CA GLU A 43 -20.18 9.09 -37.29
C GLU A 43 -20.88 7.84 -36.95
N THR A 44 -20.10 6.87 -36.45
CA THR A 44 -20.68 5.57 -36.08
C THR A 44 -21.78 5.71 -35.06
N MET A 45 -21.55 6.58 -34.09
CA MET A 45 -22.50 6.83 -33.03
C MET A 45 -23.81 7.44 -33.58
N ASP A 46 -23.67 8.47 -34.39
CA ASP A 46 -24.80 9.08 -35.02
C ASP A 46 -25.55 8.13 -35.91
N LYS A 47 -24.90 7.29 -36.68
CA LYS A 47 -25.68 6.42 -37.55
C LYS A 47 -26.48 5.47 -36.69
N ALA A 48 -25.90 4.96 -35.59
CA ALA A 48 -26.63 4.00 -34.79
C ALA A 48 -27.79 4.68 -34.05
N VAL A 49 -27.57 5.90 -33.59
CA VAL A 49 -28.62 6.61 -32.92
C VAL A 49 -29.82 6.88 -33.86
N GLN A 50 -29.55 7.26 -35.10
CA GLN A 50 -30.62 7.64 -36.04
C GLN A 50 -31.46 6.40 -36.38
N ARG A 51 -30.81 5.26 -36.58
CA ARG A 51 -31.55 4.04 -36.84
C ARG A 51 -32.46 3.71 -35.70
N PHE A 52 -31.97 3.89 -34.47
CA PHE A 52 -32.74 3.54 -33.31
C PHE A 52 -33.92 4.46 -33.14
N ARG A 53 -33.74 5.73 -33.38
CA ARG A 53 -34.79 6.70 -33.14
C ARG A 53 -35.97 6.46 -34.13
N LEU A 54 -35.60 6.07 -35.35
CA LEU A 54 -36.52 5.76 -36.43
C LEU A 54 -37.37 4.60 -35.96
N GLN A 55 -36.75 3.53 -35.44
CA GLN A 55 -37.52 2.37 -34.94
C GLN A 55 -38.24 2.56 -33.60
N ASN A 56 -38.02 3.67 -32.92
CA ASN A 56 -38.64 3.90 -31.63
C ASN A 56 -39.09 5.34 -31.53
N PRO A 57 -39.96 5.78 -32.45
CA PRO A 57 -40.26 7.23 -32.54
C PRO A 57 -40.94 7.82 -31.30
N ASP A 58 -41.57 6.95 -30.51
CA ASP A 58 -42.41 7.41 -29.41
C ASP A 58 -41.72 7.50 -28.01
N LEU A 59 -40.58 6.82 -27.84
CA LEU A 59 -39.80 6.83 -26.58
C LEU A 59 -39.64 8.24 -25.99
N ASP A 60 -40.03 8.44 -24.73
CA ASP A 60 -39.90 9.77 -24.11
C ASP A 60 -38.46 9.98 -23.65
N SER A 61 -37.70 10.63 -24.50
CA SER A 61 -36.27 10.57 -24.40
C SER A 61 -35.75 11.52 -23.36
N GLU A 62 -36.50 12.59 -23.09
CA GLU A 62 -36.20 13.55 -22.01
C GLU A 62 -36.40 12.93 -20.65
N ALA A 63 -37.54 12.29 -20.46
CA ALA A 63 -37.86 11.61 -19.19
C ALA A 63 -36.77 10.60 -18.81
N LEU A 64 -36.32 9.83 -19.77
CA LEU A 64 -35.30 8.84 -19.55
C LEU A 64 -33.99 9.53 -19.13
N LEU A 65 -33.55 10.55 -19.85
CA LEU A 65 -32.29 11.23 -19.60
C LEU A 65 -32.33 11.96 -18.27
N THR A 66 -33.49 12.30 -17.75
CA THR A 66 -33.55 13.10 -16.54
C THR A 66 -33.73 12.20 -15.32
N LEU A 67 -33.95 10.90 -15.52
CA LEU A 67 -34.05 9.97 -14.38
C LEU A 67 -32.74 9.90 -13.57
N PRO A 68 -32.81 10.14 -12.26
CA PRO A 68 -31.62 9.87 -11.46
C PRO A 68 -31.14 8.43 -11.69
N LEU A 69 -29.81 8.23 -11.73
CA LEU A 69 -29.24 6.92 -11.96
C LEU A 69 -29.91 5.81 -11.13
N LEU A 70 -30.25 6.07 -9.87
CA LEU A 70 -30.89 5.04 -9.04
C LEU A 70 -32.28 4.57 -9.54
N GLN A 71 -33.12 5.51 -9.96
CA GLN A 71 -34.40 5.14 -10.63
C GLN A 71 -34.16 4.52 -12.04
N LEU A 72 -33.16 5.02 -12.80
CA LEU A 72 -32.81 4.41 -14.09
C LEU A 72 -32.47 2.91 -13.90
N VAL A 73 -31.60 2.66 -12.93
CA VAL A 73 -31.22 1.29 -12.57
C VAL A 73 -32.43 0.44 -12.21
N GLN A 74 -33.34 1.04 -11.41
CA GLN A 74 -34.53 0.35 -10.97
C GLN A 74 -35.39 -0.13 -12.19
N LYS A 75 -35.71 0.80 -13.10
CA LYS A 75 -36.46 0.51 -14.32
C LYS A 75 -35.74 -0.46 -15.22
N LEU A 76 -34.40 -0.46 -15.21
CA LEU A 76 -33.65 -1.42 -16.06
C LEU A 76 -33.79 -2.80 -15.47
N GLN A 77 -33.70 -2.85 -14.15
CA GLN A 77 -33.73 -4.12 -13.39
C GLN A 77 -35.13 -4.75 -13.49
N SER A 78 -36.18 -3.94 -13.44
CA SER A 78 -37.54 -4.46 -13.61
C SER A 78 -37.99 -4.79 -15.07
N GLY A 79 -37.34 -4.25 -16.10
CA GLY A 79 -37.72 -4.53 -17.49
C GLY A 79 -38.58 -3.41 -18.02
N GLU A 80 -38.99 -2.52 -17.12
CA GLU A 80 -39.69 -1.32 -17.51
C GLU A 80 -38.96 -0.48 -18.61
N LEU A 81 -37.63 -0.35 -18.54
CA LEU A 81 -36.87 0.21 -19.65
C LEU A 81 -35.94 -0.86 -20.10
N SER A 82 -35.77 -0.95 -21.41
CA SER A 82 -34.79 -1.89 -21.95
C SER A 82 -33.39 -1.26 -22.00
N PRO A 83 -32.37 -2.12 -21.95
CA PRO A 83 -31.01 -1.56 -22.01
C PRO A 83 -30.78 -0.85 -23.35
N GLU A 84 -31.36 -1.38 -24.43
CA GLU A 84 -31.24 -0.77 -25.75
C GLU A 84 -31.76 0.65 -25.72
N ALA A 85 -32.93 0.81 -25.14
CA ALA A 85 -33.53 2.16 -25.06
C ALA A 85 -32.64 3.20 -24.31
N VAL A 86 -32.05 2.75 -23.20
CA VAL A 86 -31.25 3.62 -22.35
C VAL A 86 -29.95 3.88 -23.06
N PHE A 87 -29.39 2.83 -23.61
CA PHE A 87 -28.12 2.99 -24.27
C PHE A 87 -28.18 4.02 -25.43
N PHE A 88 -29.09 3.79 -26.39
CA PHE A 88 -29.13 4.69 -27.57
C PHE A 88 -29.61 6.07 -27.23
N THR A 89 -30.42 6.20 -26.21
CA THR A 89 -30.82 7.56 -25.80
C THR A 89 -29.62 8.33 -25.22
N TYR A 90 -28.75 7.62 -24.47
CA TYR A 90 -27.59 8.32 -23.89
C TYR A 90 -26.57 8.54 -24.98
N LEU A 91 -26.47 7.58 -25.89
CA LEU A 91 -25.57 7.69 -27.00
C LEU A 91 -25.93 8.92 -27.79
N GLY A 92 -27.24 9.15 -27.99
CA GLY A 92 -27.66 10.31 -28.77
C GLY A 92 -27.34 11.60 -28.02
N LYS A 93 -27.68 11.65 -26.75
CA LYS A 93 -27.34 12.78 -25.87
C LYS A 93 -25.82 13.05 -25.81
N ALA A 94 -25.01 11.97 -25.67
CA ALA A 94 -23.56 12.12 -25.65
C ALA A 94 -23.10 12.75 -26.98
N TRP A 95 -23.68 12.31 -28.06
CA TRP A 95 -23.21 12.84 -29.38
C TRP A 95 -23.50 14.32 -29.48
N GLU A 96 -24.65 14.72 -28.99
CA GLU A 96 -25.12 16.08 -29.08
C GLU A 96 -24.29 16.98 -28.14
N VAL A 97 -24.11 16.57 -26.89
CA VAL A 97 -23.39 17.51 -26.00
C VAL A 97 -21.91 17.58 -26.46
N ASN A 98 -21.40 16.54 -27.10
CA ASN A 98 -20.09 16.56 -27.64
C ASN A 98 -19.84 17.68 -28.68
N LYS A 99 -20.89 18.05 -29.43
CA LYS A 99 -20.85 19.15 -30.44
C LYS A 99 -20.32 20.43 -29.82
N GLY A 100 -20.79 20.74 -28.59
CA GLY A 100 -20.43 21.96 -27.87
C GLY A 100 -19.24 21.87 -26.91
N THR A 101 -18.88 20.64 -26.52
CA THR A 101 -17.80 20.44 -25.51
C THR A 101 -16.52 19.76 -26.01
N ASN A 102 -16.61 18.96 -27.07
CA ASN A 102 -15.50 18.14 -27.51
C ASN A 102 -14.92 17.24 -26.36
N CYS A 103 -15.80 16.50 -25.69
CA CYS A 103 -15.42 15.67 -24.61
C CYS A 103 -15.16 14.19 -25.02
N VAL A 104 -15.60 13.75 -26.19
CA VAL A 104 -15.54 12.38 -26.52
C VAL A 104 -14.39 12.14 -27.46
N THR A 105 -13.45 11.22 -27.14
CA THR A 105 -12.35 10.91 -28.07
C THR A 105 -12.61 9.62 -28.87
N SER A 106 -13.37 8.72 -28.32
CA SER A 106 -13.52 7.47 -29.01
C SER A 106 -14.79 6.78 -28.50
N TYR A 107 -15.41 6.02 -29.40
CA TYR A 107 -16.62 5.26 -29.11
C TYR A 107 -16.21 3.83 -28.94
N LEU A 108 -16.59 3.18 -27.88
CA LEU A 108 -15.97 1.90 -27.58
C LEU A 108 -16.73 0.80 -28.38
N THR A 109 -16.33 0.58 -29.64
CA THR A 109 -17.27 0.05 -30.72
C THR A 109 -18.04 -1.24 -30.37
N ASP A 110 -17.35 -2.17 -29.69
CA ASP A 110 -17.90 -3.47 -29.37
C ASP A 110 -18.98 -3.34 -28.25
N CYS A 111 -19.25 -2.12 -27.81
CA CYS A 111 -20.14 -1.94 -26.65
C CYS A 111 -21.57 -2.42 -26.96
N GLU A 112 -21.99 -2.32 -28.23
CA GLU A 112 -23.33 -2.81 -28.60
C GLU A 112 -23.46 -4.33 -28.36
N THR A 113 -22.38 -5.06 -28.68
CA THR A 113 -22.33 -6.49 -28.29
C THR A 113 -22.31 -6.72 -26.75
N GLN A 114 -21.55 -5.91 -26.00
CA GLN A 114 -21.58 -5.97 -24.53
C GLN A 114 -23.01 -5.74 -24.00
N LEU A 115 -23.63 -4.71 -24.56
CA LEU A 115 -25.03 -4.35 -24.33
C LEU A 115 -26.01 -5.53 -24.42
N SER A 116 -25.73 -6.46 -25.33
CA SER A 116 -26.66 -7.58 -25.55
C SER A 116 -26.38 -8.72 -24.52
N GLN A 117 -25.12 -8.85 -24.08
CA GLN A 117 -24.70 -9.92 -23.14
C GLN A 117 -24.57 -9.49 -21.68
N ALA A 118 -24.99 -8.26 -21.39
CA ALA A 118 -24.78 -7.62 -20.09
C ALA A 118 -25.50 -8.45 -19.01
N PRO A 119 -24.75 -8.92 -17.97
CA PRO A 119 -25.34 -9.83 -16.95
C PRO A 119 -26.53 -9.20 -16.27
N ARG A 120 -27.65 -9.91 -16.42
CA ARG A 120 -28.97 -9.44 -16.04
C ARG A 120 -29.05 -9.18 -14.55
N GLN A 121 -28.21 -9.85 -13.77
CA GLN A 121 -28.19 -9.64 -12.31
C GLN A 121 -27.24 -8.55 -11.81
N GLY A 122 -26.37 -8.01 -12.66
CA GLY A 122 -25.36 -7.06 -12.21
C GLY A 122 -26.01 -5.82 -11.58
N LEU A 123 -25.28 -5.15 -10.68
CA LEU A 123 -25.81 -4.02 -9.95
C LEU A 123 -25.90 -2.86 -10.88
N LEU A 124 -25.17 -2.91 -12.00
CA LEU A 124 -25.23 -1.84 -13.01
C LEU A 124 -25.87 -2.24 -14.38
N TYR A 125 -26.76 -3.23 -14.35
CA TYR A 125 -27.30 -3.87 -15.56
C TYR A 125 -27.88 -2.79 -16.47
N GLY A 126 -27.31 -2.69 -17.67
CA GLY A 126 -27.80 -1.73 -18.67
C GLY A 126 -27.38 -0.28 -18.50
N VAL A 127 -26.53 0.01 -17.50
CA VAL A 127 -26.05 1.40 -17.29
C VAL A 127 -24.89 1.75 -18.24
N PRO A 128 -25.09 2.78 -19.09
CA PRO A 128 -24.03 3.31 -19.93
C PRO A 128 -23.03 4.03 -19.06
N VAL A 129 -21.73 3.81 -19.27
CA VAL A 129 -20.72 4.42 -18.36
C VAL A 129 -19.63 4.98 -19.26
N SER A 130 -19.23 6.21 -19.00
CA SER A 130 -18.11 6.75 -19.75
C SER A 130 -16.83 6.56 -18.97
N LEU A 131 -15.72 6.50 -19.69
CA LEU A 131 -14.42 6.15 -19.11
C LEU A 131 -13.44 7.24 -19.52
N LYS A 132 -12.76 7.85 -18.55
CA LYS A 132 -11.61 8.65 -18.93
C LYS A 132 -10.70 7.78 -19.83
N GLU A 133 -10.08 8.41 -20.79
CA GLU A 133 -9.28 7.75 -21.81
C GLU A 133 -8.16 6.84 -21.27
N CYS A 134 -7.70 7.07 -20.03
CA CYS A 134 -6.62 6.26 -19.48
C CYS A 134 -7.09 4.88 -18.98
N PHE A 135 -8.38 4.59 -18.87
CA PHE A 135 -8.80 3.24 -18.61
C PHE A 135 -8.74 2.34 -19.87
N SER A 136 -7.70 1.53 -20.01
CA SER A 136 -7.50 0.63 -21.15
C SER A 136 -8.73 -0.12 -21.53
N TYR A 137 -9.02 -0.07 -22.81
CA TYR A 137 -10.17 -0.77 -23.40
C TYR A 137 -9.64 -1.52 -24.60
N LYS A 138 -9.91 -2.83 -24.61
CA LYS A 138 -9.34 -3.70 -25.61
C LYS A 138 -9.47 -3.09 -27.02
N GLY A 139 -8.39 -3.12 -27.79
CA GLY A 139 -8.38 -2.61 -29.16
C GLY A 139 -8.44 -1.08 -29.31
N HIS A 140 -8.39 -0.31 -28.23
CA HIS A 140 -8.36 1.18 -28.28
C HIS A 140 -7.06 1.72 -27.71
N ASP A 141 -6.54 2.74 -28.36
CA ASP A 141 -5.48 3.56 -27.81
C ASP A 141 -5.91 4.17 -26.44
N SER A 142 -4.97 4.27 -25.52
CA SER A 142 -5.07 5.29 -24.45
C SER A 142 -3.93 6.24 -24.71
N THR A 143 -4.18 7.28 -25.48
CA THR A 143 -3.08 8.12 -25.92
C THR A 143 -2.59 9.09 -24.83
N LEU A 144 -3.49 9.45 -23.93
CA LEU A 144 -3.21 10.58 -23.01
C LEU A 144 -2.80 11.81 -23.79
N GLY A 145 -3.31 11.98 -25.03
CA GLY A 145 -2.98 13.16 -25.79
C GLY A 145 -1.59 13.14 -26.34
N LEU A 146 -0.87 12.04 -26.20
CA LEU A 146 0.55 12.01 -26.60
C LEU A 146 0.78 11.16 -27.80
N SER A 147 1.53 11.68 -28.75
CA SER A 147 1.63 10.95 -30.02
C SER A 147 2.41 9.66 -29.94
N LEU A 148 3.33 9.56 -28.98
CA LEU A 148 4.01 8.28 -28.79
C LEU A 148 3.05 7.14 -28.38
N ASN A 149 1.85 7.44 -27.86
CA ASN A 149 0.88 6.40 -27.52
C ASN A 149 -0.21 6.18 -28.59
N GLU A 150 -0.15 6.92 -29.69
CA GLU A 150 -1.14 6.77 -30.77
C GLU A 150 -0.82 5.50 -31.55
N GLY A 151 -1.83 4.74 -31.97
CA GLY A 151 -1.53 3.48 -32.69
C GLY A 151 -0.86 2.41 -31.81
N MET A 152 -1.20 2.39 -30.51
CA MET A 152 -0.70 1.40 -29.56
C MET A 152 -1.97 0.91 -28.87
N PRO A 153 -2.77 0.10 -29.56
CA PRO A 153 -4.06 -0.21 -28.95
C PRO A 153 -3.85 -1.18 -27.79
N SER A 154 -4.76 -1.19 -26.83
CA SER A 154 -4.56 -2.00 -25.68
C SER A 154 -5.00 -3.45 -25.91
N GLU A 155 -4.26 -4.38 -25.32
CA GLU A 155 -4.51 -5.80 -25.56
C GLU A 155 -5.74 -6.28 -24.78
N SER A 156 -6.16 -5.58 -23.73
CA SER A 156 -7.34 -5.99 -22.94
C SER A 156 -7.90 -4.82 -22.15
N ASP A 157 -9.10 -5.02 -21.62
CA ASP A 157 -9.75 -4.13 -20.71
C ASP A 157 -8.97 -4.13 -19.33
N CYS A 158 -8.91 -2.96 -18.70
CA CYS A 158 -8.21 -2.88 -17.40
C CYS A 158 -9.19 -3.54 -16.44
N VAL A 159 -8.79 -3.70 -15.22
CA VAL A 159 -9.55 -4.47 -14.30
C VAL A 159 -10.88 -3.78 -14.04
N VAL A 160 -10.89 -2.48 -13.78
CA VAL A 160 -12.20 -1.89 -13.40
C VAL A 160 -13.21 -1.94 -14.55
N VAL A 161 -12.74 -1.85 -15.77
CA VAL A 161 -13.61 -1.95 -16.90
C VAL A 161 -14.17 -3.43 -16.96
N GLN A 162 -13.32 -4.42 -16.71
CA GLN A 162 -13.79 -5.79 -16.66
C GLN A 162 -14.84 -5.93 -15.61
N VAL A 163 -14.62 -5.29 -14.46
CA VAL A 163 -15.59 -5.40 -13.33
C VAL A 163 -16.93 -4.70 -13.64
N LEU A 164 -16.86 -3.56 -14.30
CA LEU A 164 -18.05 -2.84 -14.74
C LEU A 164 -18.86 -3.70 -15.75
N LYS A 165 -18.20 -4.36 -16.70
CA LYS A 165 -18.97 -5.21 -17.61
C LYS A 165 -19.52 -6.39 -16.83
N LEU A 166 -18.76 -6.97 -15.91
CA LEU A 166 -19.33 -8.12 -15.15
C LEU A 166 -20.53 -7.69 -14.32
N GLN A 167 -20.64 -6.40 -13.95
CA GLN A 167 -21.80 -5.91 -13.20
C GLN A 167 -22.93 -5.44 -14.17
N GLY A 168 -22.78 -5.75 -15.47
CA GLY A 168 -23.82 -5.45 -16.46
C GLY A 168 -23.80 -4.02 -17.03
N ALA A 169 -22.79 -3.23 -16.67
CA ALA A 169 -22.69 -1.86 -17.18
C ALA A 169 -22.19 -1.92 -18.60
N VAL A 170 -22.38 -0.81 -19.31
CA VAL A 170 -21.95 -0.74 -20.73
C VAL A 170 -21.04 0.46 -20.97
N PRO A 171 -19.74 0.27 -20.77
CA PRO A 171 -18.82 1.37 -21.09
C PRO A 171 -18.97 1.72 -22.57
N PHE A 172 -19.11 3.00 -22.88
CA PHE A 172 -19.43 3.32 -24.22
C PHE A 172 -18.58 4.37 -24.87
N VAL A 173 -17.98 5.29 -24.10
CA VAL A 173 -17.01 6.21 -24.72
C VAL A 173 -15.76 6.35 -23.87
N HIS A 174 -14.67 6.70 -24.52
CA HIS A 174 -13.51 7.29 -23.93
C HIS A 174 -13.63 8.83 -23.98
N THR A 175 -13.34 9.50 -22.85
CA THR A 175 -13.38 10.97 -22.76
C THR A 175 -11.98 11.67 -22.68
N ASN A 176 -11.96 12.94 -23.09
CA ASN A 176 -10.76 13.65 -23.32
C ASN A 176 -10.04 13.95 -21.99
N VAL A 177 -8.72 14.16 -22.08
CA VAL A 177 -7.86 14.50 -20.95
C VAL A 177 -6.84 15.51 -21.47
N PRO A 178 -6.23 16.33 -20.60
CA PRO A 178 -5.12 17.19 -21.07
C PRO A 178 -3.90 16.36 -21.38
N GLN A 179 -3.06 16.84 -22.29
CA GLN A 179 -1.90 16.14 -22.69
C GLN A 179 -1.09 15.70 -21.48
N SER A 180 -0.72 14.41 -21.45
CA SER A 180 0.03 13.73 -20.37
C SER A 180 -0.80 13.53 -19.13
N MET A 181 -1.94 14.18 -19.04
CA MET A 181 -2.75 14.16 -17.76
C MET A 181 -2.17 14.93 -16.55
N LEU A 182 -1.01 15.54 -16.70
CA LEU A 182 -0.51 16.22 -15.46
C LEU A 182 -0.95 17.71 -15.56
N SER A 183 -2.21 17.97 -15.25
CA SER A 183 -2.76 19.24 -15.55
C SER A 183 -4.13 19.20 -14.96
N PHE A 184 -4.72 20.34 -14.62
CA PHE A 184 -6.18 20.35 -14.32
C PHE A 184 -6.97 21.20 -15.31
N ASP A 185 -6.43 21.41 -16.48
CA ASP A 185 -7.21 21.91 -17.63
C ASP A 185 -7.49 20.65 -18.53
N CYS A 186 -7.92 20.80 -19.79
CA CYS A 186 -8.32 19.63 -20.59
C CYS A 186 -8.07 19.78 -22.11
N SER A 187 -6.83 19.97 -22.50
CA SER A 187 -6.60 20.06 -23.91
C SER A 187 -5.39 19.25 -24.26
N ASN A 188 -5.38 18.66 -25.46
CA ASN A 188 -4.14 17.99 -25.96
C ASN A 188 -4.08 18.15 -27.47
N PRO A 189 -2.91 17.89 -28.09
CA PRO A 189 -2.81 18.19 -29.53
C PRO A 189 -3.42 17.12 -30.44
N LEU A 190 -3.92 16.03 -29.89
CA LEU A 190 -4.50 15.01 -30.73
C LEU A 190 -5.96 15.35 -30.90
N PHE A 191 -6.72 15.40 -29.82
CA PHE A 191 -8.18 15.58 -29.91
C PHE A 191 -8.61 17.03 -29.69
N GLY A 192 -7.64 17.91 -29.39
CA GLY A 192 -7.85 19.28 -29.02
C GLY A 192 -8.42 19.55 -27.64
N GLN A 193 -9.15 20.64 -27.53
CA GLN A 193 -9.57 21.21 -26.29
C GLN A 193 -10.98 20.84 -25.88
N THR A 194 -11.17 20.50 -24.61
CA THR A 194 -12.50 20.24 -24.07
C THR A 194 -13.00 21.48 -23.37
N MET A 195 -14.31 21.76 -23.51
CA MET A 195 -14.83 23.04 -22.99
C MET A 195 -15.83 22.79 -21.90
N ASN A 196 -15.90 23.70 -20.92
CA ASN A 196 -16.88 23.60 -19.89
C ASN A 196 -18.32 23.72 -20.54
N PRO A 197 -19.31 22.83 -20.21
CA PRO A 197 -20.65 22.94 -20.87
C PRO A 197 -21.46 24.11 -20.35
N TRP A 198 -21.05 24.70 -19.23
CA TRP A 198 -21.82 25.79 -18.72
C TRP A 198 -21.44 27.09 -19.39
N LYS A 199 -20.27 27.11 -20.03
CA LYS A 199 -19.70 28.38 -20.50
C LYS A 199 -18.43 28.11 -21.20
N SER A 200 -18.44 28.48 -22.48
CA SER A 200 -17.50 27.94 -23.45
C SER A 200 -16.11 28.58 -23.42
N SER A 201 -15.96 29.68 -22.70
CA SER A 201 -14.63 30.23 -22.45
C SER A 201 -13.98 29.62 -21.15
N LYS A 202 -14.70 28.74 -20.44
CA LYS A 202 -14.22 28.20 -19.15
C LYS A 202 -13.70 26.77 -19.34
N SER A 203 -12.67 26.42 -18.56
CA SER A 203 -12.12 25.07 -18.56
C SER A 203 -13.16 24.19 -17.98
N PRO A 204 -13.29 22.95 -18.46
CA PRO A 204 -14.11 22.04 -17.72
C PRO A 204 -13.32 21.49 -16.49
N GLY A 205 -12.08 21.95 -16.25
CA GLY A 205 -11.25 21.30 -15.24
C GLY A 205 -10.63 20.01 -15.80
N GLY A 206 -9.87 19.29 -14.98
CA GLY A 206 -9.24 18.09 -15.46
C GLY A 206 -8.31 17.51 -14.37
N SER A 207 -7.54 16.45 -14.68
CA SER A 207 -7.43 15.83 -15.98
C SER A 207 -8.65 15.01 -16.41
N SER A 208 -9.59 14.71 -15.52
CA SER A 208 -10.78 13.96 -15.96
C SER A 208 -11.81 14.98 -16.55
N GLY A 209 -11.37 15.88 -17.42
CA GLY A 209 -12.32 16.90 -17.88
C GLY A 209 -13.40 16.49 -18.86
N GLY A 210 -13.04 15.54 -19.75
CA GLY A 210 -13.98 14.93 -20.68
C GLY A 210 -15.16 14.36 -19.88
N GLU A 211 -14.86 13.63 -18.78
CA GLU A 211 -15.93 13.10 -17.91
C GLU A 211 -16.76 14.23 -17.32
N GLY A 212 -16.10 15.29 -16.82
CA GLY A 212 -16.85 16.40 -16.19
C GLY A 212 -17.81 17.07 -17.24
N ALA A 213 -17.30 17.31 -18.44
CA ALA A 213 -18.07 17.97 -19.49
C ALA A 213 -19.24 17.08 -19.92
N LEU A 214 -18.97 15.76 -20.07
CA LEU A 214 -19.97 14.87 -20.57
C LEU A 214 -21.07 14.66 -19.57
N ILE A 215 -20.71 14.31 -18.34
CA ILE A 215 -21.69 14.03 -17.30
C ILE A 215 -22.42 15.32 -16.85
N GLY A 216 -21.67 16.40 -16.72
CA GLY A 216 -22.23 17.69 -16.27
C GLY A 216 -23.24 18.27 -17.29
N SER A 217 -23.30 17.72 -18.50
CA SER A 217 -24.32 18.13 -19.42
C SER A 217 -25.34 17.06 -19.77
N GLY A 218 -25.31 15.93 -19.08
CA GLY A 218 -26.43 15.03 -19.19
C GLY A 218 -26.11 13.96 -20.21
N GLY A 219 -24.89 13.98 -20.74
CA GLY A 219 -24.44 12.98 -21.70
C GLY A 219 -24.09 11.56 -21.21
N SER A 220 -24.02 11.36 -19.90
CA SER A 220 -23.58 10.09 -19.33
C SER A 220 -24.04 10.07 -17.89
N PRO A 221 -24.58 8.96 -17.41
CA PRO A 221 -25.03 9.02 -16.02
C PRO A 221 -23.96 8.64 -14.98
N LEU A 222 -22.81 8.15 -15.37
CA LEU A 222 -21.78 7.58 -14.45
C LEU A 222 -20.50 7.46 -15.23
N GLY A 223 -19.40 7.93 -14.68
CA GLY A 223 -18.11 7.92 -15.34
C GLY A 223 -17.00 7.52 -14.35
N LEU A 224 -15.84 7.10 -14.84
CA LEU A 224 -14.74 6.86 -13.93
C LEU A 224 -13.66 7.80 -14.29
N GLY A 225 -13.05 8.44 -13.28
CA GLY A 225 -11.84 9.26 -13.57
C GLY A 225 -10.69 8.78 -12.69
N THR A 226 -9.58 9.50 -12.73
CA THR A 226 -8.44 9.26 -11.85
C THR A 226 -7.95 10.62 -11.28
N ASP A 227 -7.18 10.55 -10.19
CA ASP A 227 -6.91 11.78 -9.39
C ASP A 227 -5.55 11.55 -8.69
N ILE A 228 -4.50 12.28 -9.12
CA ILE A 228 -3.27 12.28 -8.35
C ILE A 228 -3.04 13.61 -7.64
N GLY A 229 -3.76 14.69 -8.04
CA GLY A 229 -3.62 16.02 -7.42
C GLY A 229 -4.93 16.83 -7.39
N GLY A 230 -6.06 16.15 -7.60
CA GLY A 230 -7.38 16.81 -7.70
C GLY A 230 -8.14 16.46 -8.97
N SER A 231 -7.67 15.50 -9.74
CA SER A 231 -8.17 15.32 -11.07
C SER A 231 -9.54 14.68 -11.26
N ILE A 232 -10.13 14.15 -10.20
CA ILE A 232 -11.54 13.82 -10.21
C ILE A 232 -12.30 15.07 -9.70
N ARG A 233 -11.67 15.79 -8.74
CA ARG A 233 -12.35 16.81 -7.96
C ARG A 233 -12.44 18.13 -8.76
N PHE A 234 -11.38 18.59 -9.40
CA PHE A 234 -11.50 19.78 -10.25
C PHE A 234 -12.69 19.72 -11.27
N PRO A 235 -12.75 18.69 -12.16
CA PRO A 235 -13.80 18.68 -13.19
C PRO A 235 -15.16 18.47 -12.63
N SER A 236 -15.29 17.79 -11.52
CA SER A 236 -16.60 17.62 -10.94
C SER A 236 -17.09 18.96 -10.38
N ALA A 237 -16.18 19.71 -9.72
CA ALA A 237 -16.47 21.05 -9.17
C ALA A 237 -16.74 22.05 -10.28
N PHE A 238 -15.86 22.17 -11.29
CA PHE A 238 -16.07 23.09 -12.37
C PHE A 238 -17.31 22.85 -13.16
N CYS A 239 -17.69 21.59 -13.31
CA CYS A 239 -18.86 21.21 -14.18
C CYS A 239 -20.11 20.93 -13.39
N GLY A 240 -20.07 21.02 -12.07
CA GLY A 240 -21.30 20.96 -11.25
C GLY A 240 -21.83 19.53 -11.04
N ILE A 241 -20.90 18.55 -10.87
CA ILE A 241 -21.31 17.18 -10.62
C ILE A 241 -20.60 16.69 -9.37
N CYS A 242 -20.94 15.50 -8.87
CA CYS A 242 -20.30 14.94 -7.72
C CYS A 242 -19.18 14.01 -8.18
N GLY A 243 -18.16 13.89 -7.35
CA GLY A 243 -17.00 13.00 -7.60
C GLY A 243 -16.34 12.58 -6.30
N LEU A 244 -15.81 11.34 -6.25
CA LEU A 244 -15.16 10.82 -5.06
C LEU A 244 -13.75 10.33 -5.43
N LYS A 245 -12.69 10.85 -4.76
CA LYS A 245 -11.38 10.24 -4.82
C LYS A 245 -11.15 9.32 -3.62
N PRO A 246 -11.22 7.98 -3.84
CA PRO A 246 -11.03 7.10 -2.65
C PRO A 246 -9.60 7.08 -2.17
N THR A 247 -9.36 6.43 -1.04
CA THR A 247 -8.02 5.97 -0.75
C THR A 247 -7.34 5.31 -1.96
N GLY A 248 -6.06 5.62 -2.18
CA GLY A 248 -5.40 5.20 -3.40
C GLY A 248 -5.54 3.70 -3.72
N ASN A 249 -5.48 2.83 -2.72
CA ASN A 249 -5.53 1.41 -3.04
C ASN A 249 -6.89 0.75 -2.71
N ARG A 250 -7.94 1.55 -2.64
CA ARG A 250 -9.29 1.00 -2.46
C ARG A 250 -9.77 0.33 -3.76
N LEU A 251 -9.29 0.74 -4.91
CA LEU A 251 -9.76 0.25 -6.16
C LEU A 251 -8.58 -0.13 -7.02
N SER A 252 -8.77 -1.05 -7.97
CA SER A 252 -7.63 -1.55 -8.75
C SER A 252 -7.13 -0.56 -9.77
N LYS A 253 -5.80 -0.43 -9.87
CA LYS A 253 -5.22 0.44 -10.84
C LYS A 253 -4.64 -0.41 -11.95
N SER A 254 -4.85 -1.72 -11.91
CA SER A 254 -4.33 -2.57 -12.91
C SER A 254 -4.91 -2.28 -14.33
N GLY A 255 -4.00 -2.07 -15.27
CA GLY A 255 -4.23 -1.74 -16.65
C GLY A 255 -4.52 -0.28 -16.89
N LEU A 256 -4.39 0.57 -15.85
CA LEU A 256 -4.47 2.06 -16.09
C LEU A 256 -3.28 2.56 -16.89
N LYS A 257 -3.52 3.38 -17.89
CA LYS A 257 -2.40 3.96 -18.62
C LYS A 257 -1.93 5.24 -17.89
N GLY A 258 -0.64 5.48 -17.91
CA GLY A 258 -0.10 6.63 -17.25
C GLY A 258 1.13 7.14 -17.94
N CYS A 259 1.59 8.31 -17.55
CA CYS A 259 2.81 8.93 -18.05
C CYS A 259 4.06 8.38 -17.46
N VAL A 260 3.99 8.19 -16.17
CA VAL A 260 5.12 7.88 -15.36
C VAL A 260 4.64 6.75 -14.50
N TYR A 261 5.48 5.76 -14.41
CA TYR A 261 5.21 4.59 -13.63
C TYR A 261 6.22 4.44 -12.47
N GLY A 262 5.77 3.92 -11.34
CA GLY A 262 6.68 3.56 -10.28
C GLY A 262 6.77 4.63 -9.19
N GLN A 263 6.04 5.74 -9.39
CA GLN A 263 6.12 6.89 -8.47
C GLN A 263 5.09 6.54 -7.49
N THR A 264 5.48 6.34 -6.24
CA THR A 264 4.51 5.83 -5.27
C THR A 264 4.45 6.65 -3.98
N ALA A 265 5.18 7.76 -3.91
CA ALA A 265 5.08 8.75 -2.79
C ALA A 265 3.70 9.45 -2.78
N VAL A 266 3.34 10.03 -3.92
CA VAL A 266 2.04 10.63 -4.02
C VAL A 266 1.12 9.63 -4.80
N GLN A 267 0.09 9.20 -4.07
CA GLN A 267 -0.85 8.16 -4.42
C GLN A 267 -1.94 8.59 -5.47
N LEU A 268 -1.93 7.89 -6.59
CA LEU A 268 -2.96 7.96 -7.61
C LEU A 268 -4.20 7.21 -7.20
N SER A 269 -5.34 7.82 -7.36
CA SER A 269 -6.53 7.16 -7.02
C SER A 269 -7.55 7.20 -8.19
N LEU A 270 -8.45 6.25 -8.25
CA LEU A 270 -9.45 6.24 -9.30
C LEU A 270 -10.80 6.21 -8.63
N GLY A 271 -11.83 6.79 -9.26
CA GLY A 271 -13.13 6.75 -8.62
C GLY A 271 -14.24 7.31 -9.52
N PRO A 272 -15.45 7.29 -9.01
CA PRO A 272 -16.61 7.70 -9.78
C PRO A 272 -16.86 9.19 -9.87
N MET A 273 -17.60 9.55 -10.92
CA MET A 273 -18.12 10.90 -11.14
C MET A 273 -19.54 10.70 -11.61
N ALA A 274 -20.47 11.49 -11.12
CA ALA A 274 -21.88 11.28 -11.45
C ALA A 274 -22.67 12.53 -11.03
N ARG A 275 -23.99 12.51 -11.29
CA ARG A 275 -24.81 13.71 -11.07
C ARG A 275 -25.17 13.85 -9.61
N ASP A 276 -25.12 12.74 -8.88
CA ASP A 276 -25.50 12.83 -7.48
C ASP A 276 -24.65 11.86 -6.59
N VAL A 277 -24.74 12.00 -5.28
CA VAL A 277 -23.93 11.19 -4.34
C VAL A 277 -24.32 9.71 -4.36
N GLU A 278 -25.60 9.46 -4.30
CA GLU A 278 -26.08 8.10 -4.37
C GLU A 278 -25.48 7.35 -5.60
N SER A 279 -25.29 8.03 -6.74
CA SER A 279 -24.70 7.37 -7.89
C SER A 279 -23.23 6.98 -7.57
N LEU A 280 -22.51 7.86 -6.84
CA LEU A 280 -21.13 7.52 -6.48
C LEU A 280 -21.15 6.27 -5.61
N ALA A 281 -22.07 6.26 -4.63
CA ALA A 281 -22.16 5.12 -3.70
C ALA A 281 -22.53 3.81 -4.39
N LEU A 282 -23.39 3.89 -5.41
CA LEU A 282 -23.84 2.71 -6.12
C LEU A 282 -22.65 2.21 -6.95
N CYS A 283 -21.94 3.12 -7.61
CA CYS A 283 -20.76 2.71 -8.34
C CYS A 283 -19.67 2.04 -7.44
N LEU A 284 -19.36 2.65 -6.29
CA LEU A 284 -18.38 2.08 -5.38
C LEU A 284 -18.81 0.66 -4.90
N LYS A 285 -20.07 0.53 -4.50
CA LYS A 285 -20.61 -0.72 -4.10
C LYS A 285 -20.59 -1.79 -5.22
N ALA A 286 -20.82 -1.42 -6.48
CA ALA A 286 -20.67 -2.37 -7.59
C ALA A 286 -19.25 -2.79 -7.82
N LEU A 287 -18.33 -1.83 -7.63
CA LEU A 287 -16.93 -2.16 -7.93
C LEU A 287 -16.31 -2.99 -6.83
N LEU A 288 -16.71 -2.76 -5.60
CA LEU A 288 -16.09 -3.45 -4.46
C LEU A 288 -16.67 -4.86 -4.24
N CYS A 289 -16.52 -5.73 -5.21
CA CYS A 289 -17.20 -7.04 -5.16
C CYS A 289 -16.15 -8.13 -5.41
N GLU A 290 -16.51 -9.39 -5.22
CA GLU A 290 -15.57 -10.49 -5.48
C GLU A 290 -14.90 -10.42 -6.82
N HIS A 291 -15.56 -10.01 -7.88
CA HIS A 291 -14.82 -9.95 -9.15
C HIS A 291 -13.63 -9.04 -9.07
N LEU A 292 -13.77 -7.87 -8.48
CA LEU A 292 -12.58 -7.01 -8.43
C LEU A 292 -11.46 -7.61 -7.58
N PHE A 293 -11.82 -8.18 -6.43
CA PHE A 293 -10.86 -8.69 -5.42
C PHE A 293 -10.11 -9.90 -5.99
N THR A 294 -10.73 -10.64 -6.91
CA THR A 294 -9.99 -11.80 -7.43
C THR A 294 -9.27 -11.42 -8.72
N LEU A 295 -9.83 -10.50 -9.53
CA LEU A 295 -9.06 -10.00 -10.70
C LEU A 295 -7.84 -9.23 -10.28
N ASP A 296 -7.89 -8.51 -9.14
CA ASP A 296 -6.67 -7.82 -8.69
C ASP A 296 -6.47 -8.06 -7.19
N PRO A 297 -5.84 -9.17 -6.83
CA PRO A 297 -5.61 -9.56 -5.46
C PRO A 297 -4.76 -8.54 -4.71
N THR A 298 -4.11 -7.59 -5.37
CA THR A 298 -3.34 -6.62 -4.59
C THR A 298 -4.22 -5.56 -3.90
N VAL A 299 -5.51 -5.51 -4.26
CA VAL A 299 -6.45 -4.61 -3.60
C VAL A 299 -7.05 -5.24 -2.36
N PRO A 300 -6.98 -4.59 -1.17
CA PRO A 300 -7.58 -5.19 0.03
C PRO A 300 -9.02 -5.47 -0.20
N PRO A 301 -9.46 -6.67 0.15
CA PRO A 301 -10.81 -6.99 -0.22
C PRO A 301 -11.81 -6.49 0.85
N LEU A 302 -12.02 -5.17 0.83
CA LEU A 302 -12.97 -4.49 1.71
C LEU A 302 -14.26 -4.21 1.00
N PRO A 303 -15.30 -5.03 1.26
CA PRO A 303 -16.59 -4.72 0.65
C PRO A 303 -17.24 -3.34 1.09
N PHE A 304 -18.07 -2.75 0.23
CA PHE A 304 -18.76 -1.55 0.58
C PHE A 304 -19.56 -1.74 1.89
N ARG A 305 -19.32 -0.91 2.89
CA ARG A 305 -20.02 -1.08 4.19
C ARG A 305 -21.29 -0.19 4.18
N GLU A 306 -22.39 -0.79 3.75
CA GLU A 306 -23.66 -0.05 3.52
C GLU A 306 -24.19 0.64 4.78
N GLU A 307 -23.97 0.03 5.94
CA GLU A 307 -24.45 0.56 7.22
C GLU A 307 -23.67 1.81 7.60
N VAL A 308 -22.43 1.89 7.15
CA VAL A 308 -21.72 3.13 7.38
C VAL A 308 -22.30 4.20 6.46
N TYR A 309 -22.50 3.85 5.20
CA TYR A 309 -22.95 4.85 4.27
C TYR A 309 -24.39 5.37 4.66
N ARG A 310 -25.25 4.53 5.20
CA ARG A 310 -26.65 4.91 5.46
C ARG A 310 -26.86 5.46 6.87
N SER A 311 -25.83 5.46 7.69
CA SER A 311 -25.97 5.98 9.04
C SER A 311 -26.52 7.41 9.04
N SER A 312 -27.21 7.74 10.13
CA SER A 312 -27.76 9.06 10.28
C SER A 312 -27.32 9.68 11.61
N ARG A 313 -26.31 9.12 12.26
CA ARG A 313 -25.76 9.73 13.46
C ARG A 313 -25.17 11.14 13.20
N PRO A 314 -25.30 12.07 14.18
CA PRO A 314 -24.69 13.39 14.12
C PRO A 314 -23.20 13.20 13.96
N LEU A 315 -22.56 14.05 13.16
CA LEU A 315 -21.09 14.01 12.89
C LEU A 315 -20.35 15.13 13.59
N ARG A 316 -19.11 14.83 13.97
CA ARG A 316 -18.16 15.87 14.36
C ARG A 316 -17.40 16.24 13.13
N VAL A 317 -17.66 17.43 12.62
CA VAL A 317 -17.17 17.84 11.35
C VAL A 317 -16.13 18.96 11.54
N GLY A 318 -14.87 18.74 11.16
CA GLY A 318 -13.86 19.78 11.17
C GLY A 318 -14.10 20.62 9.95
N TYR A 319 -13.62 21.87 9.95
CA TYR A 319 -13.82 22.68 8.75
C TYR A 319 -12.85 23.82 8.75
N TYR A 320 -12.44 24.22 7.57
CA TYR A 320 -11.75 25.47 7.42
C TYR A 320 -12.38 26.25 6.27
N GLU A 321 -12.18 27.56 6.26
CA GLU A 321 -12.72 28.45 5.20
C GLU A 321 -11.66 28.78 4.28
N THR A 322 -10.42 28.58 4.68
CA THR A 322 -9.29 28.87 3.81
C THR A 322 -8.13 27.97 4.25
N ASP A 323 -7.21 27.67 3.35
CA ASP A 323 -6.05 26.90 3.73
C ASP A 323 -4.87 27.85 3.92
N ASN A 324 -5.14 29.17 3.85
CA ASN A 324 -4.11 30.19 4.03
C ASN A 324 -3.02 30.05 3.06
N TYR A 325 -3.33 29.43 1.92
CA TYR A 325 -2.35 29.27 0.89
C TYR A 325 -2.92 29.78 -0.37
N THR A 326 -4.14 29.35 -0.68
CA THR A 326 -4.81 29.87 -1.89
C THR A 326 -6.03 30.59 -1.36
N MET A 327 -6.10 31.89 -1.61
CA MET A 327 -7.25 32.70 -1.11
C MET A 327 -8.45 32.17 -1.83
N PRO A 328 -9.46 31.75 -1.09
CA PRO A 328 -10.67 31.28 -1.72
C PRO A 328 -11.41 32.41 -2.49
N SER A 329 -12.04 32.14 -3.67
CA SER A 329 -12.96 33.08 -4.27
C SER A 329 -14.09 33.37 -3.29
N PRO A 330 -14.78 34.51 -3.47
CA PRO A 330 -15.94 34.81 -2.59
C PRO A 330 -17.00 33.73 -2.68
N ALA A 331 -17.25 33.24 -3.91
CA ALA A 331 -18.20 32.08 -4.08
C ALA A 331 -17.78 30.86 -3.21
N MET A 332 -16.50 30.46 -3.32
CA MET A 332 -15.93 29.34 -2.44
C MET A 332 -16.16 29.62 -0.97
N ARG A 333 -15.82 30.84 -0.52
CA ARG A 333 -15.99 31.13 0.92
C ARG A 333 -17.44 31.05 1.32
N ARG A 334 -18.31 31.64 0.51
CA ARG A 334 -19.74 31.63 0.87
C ARG A 334 -20.26 30.19 0.89
N ALA A 335 -19.89 29.44 -0.14
CA ALA A 335 -20.28 28.00 -0.18
C ALA A 335 -19.91 27.23 1.04
N LEU A 336 -18.69 27.49 1.50
CA LEU A 336 -18.16 26.80 2.66
C LEU A 336 -18.95 27.17 3.95
N ILE A 337 -19.13 28.48 4.18
CA ILE A 337 -19.86 28.99 5.38
C ILE A 337 -21.28 28.57 5.40
N GLU A 338 -21.91 28.71 4.23
CA GLU A 338 -23.32 28.26 4.14
C GLU A 338 -23.48 26.78 4.47
N THR A 339 -22.56 25.92 3.98
CA THR A 339 -22.75 24.47 4.24
C THR A 339 -22.50 24.25 5.71
N LYS A 340 -21.46 24.88 6.19
CA LYS A 340 -21.15 24.79 7.61
C LYS A 340 -22.40 25.16 8.45
N GLN A 341 -23.00 26.30 8.10
CA GLN A 341 -24.20 26.74 8.88
C GLN A 341 -25.32 25.75 8.76
N ARG A 342 -25.57 25.22 7.56
CA ARG A 342 -26.60 24.19 7.44
C ARG A 342 -26.35 22.96 8.24
N LEU A 343 -25.08 22.50 8.19
CA LEU A 343 -24.74 21.28 8.94
C LEU A 343 -24.98 21.53 10.43
N GLU A 344 -24.56 22.69 10.95
CA GLU A 344 -24.87 23.10 12.38
C GLU A 344 -26.37 23.05 12.66
N ALA A 345 -27.17 23.61 11.75
CA ALA A 345 -28.61 23.61 11.98
C ALA A 345 -29.16 22.23 11.92
N ALA A 346 -28.46 21.31 11.24
CA ALA A 346 -28.98 19.94 11.24
C ALA A 346 -28.49 19.10 12.38
N GLY A 347 -27.64 19.64 13.26
CA GLY A 347 -27.30 18.93 14.47
C GLY A 347 -25.90 18.38 14.48
N HIS A 348 -25.05 18.77 13.50
CA HIS A 348 -23.64 18.34 13.52
C HIS A 348 -22.82 19.35 14.34
N THR A 349 -21.67 18.91 14.88
CA THR A 349 -20.80 19.81 15.61
C THR A 349 -19.72 20.26 14.65
N LEU A 350 -19.60 21.56 14.47
CA LEU A 350 -18.60 22.09 13.56
C LEU A 350 -17.43 22.66 14.36
N ILE A 351 -16.21 22.20 14.02
CA ILE A 351 -15.02 22.44 14.80
C ILE A 351 -13.99 23.05 13.91
N PRO A 352 -13.58 24.30 14.18
CA PRO A 352 -12.50 24.82 13.35
C PRO A 352 -11.32 23.82 13.29
N PHE A 353 -10.80 23.49 12.10
CA PHE A 353 -9.65 22.53 12.05
C PHE A 353 -8.91 22.74 10.75
N LEU A 354 -7.60 22.90 10.77
CA LEU A 354 -6.80 23.12 9.54
C LEU A 354 -5.57 22.17 9.65
N PRO A 355 -5.42 21.19 8.72
CA PRO A 355 -4.26 20.29 8.79
C PRO A 355 -2.98 21.10 8.97
N ASN A 356 -2.04 20.63 9.81
CA ASN A 356 -0.86 21.43 10.12
C ASN A 356 0.10 21.44 8.94
N ASN A 357 0.89 22.51 8.80
CA ASN A 357 1.97 22.56 7.80
C ASN A 357 1.56 22.20 6.36
N ILE A 358 0.43 22.76 5.92
CA ILE A 358 0.10 22.74 4.51
C ILE A 358 1.21 23.21 3.56
N PRO A 359 1.88 24.34 3.84
CA PRO A 359 2.87 24.66 2.79
C PRO A 359 3.95 23.56 2.58
N TYR A 360 4.37 22.93 3.66
CA TYR A 360 5.34 21.86 3.52
C TYR A 360 4.74 20.70 2.69
N ALA A 361 3.52 20.28 3.03
CA ALA A 361 2.82 19.22 2.28
C ALA A 361 2.74 19.48 0.78
N LEU A 362 2.57 20.75 0.38
CA LEU A 362 2.46 21.09 -1.03
C LEU A 362 3.79 21.23 -1.70
N GLU A 363 4.61 22.16 -1.21
CA GLU A 363 5.87 22.55 -1.89
C GLU A 363 6.97 21.54 -1.75
N VAL A 364 6.95 20.75 -0.65
CA VAL A 364 8.04 19.80 -0.41
C VAL A 364 7.55 18.37 -0.63
N LEU A 365 6.49 17.93 0.04
CA LEU A 365 6.09 16.55 -0.09
C LEU A 365 5.43 16.30 -1.44
N SER A 366 4.45 17.13 -1.83
CA SER A 366 3.66 16.82 -3.02
C SER A 366 4.45 17.05 -4.27
N ALA A 367 4.97 18.26 -4.38
CA ALA A 367 5.79 18.55 -5.52
C ALA A 367 7.03 17.65 -5.61
N GLY A 368 7.71 17.41 -4.49
CA GLY A 368 8.96 16.59 -4.56
C GLY A 368 8.57 15.16 -4.91
N GLY A 369 7.39 14.72 -4.42
CA GLY A 369 6.96 13.41 -4.68
C GLY A 369 6.62 13.23 -6.16
N LEU A 370 6.04 14.26 -6.79
CA LEU A 370 5.60 14.08 -8.15
C LEU A 370 6.79 14.25 -9.07
N PHE A 371 7.76 15.04 -8.63
CA PHE A 371 8.87 15.29 -9.50
C PHE A 371 10.19 14.88 -8.94
N SER A 372 10.23 13.79 -8.15
CA SER A 372 11.53 13.39 -7.54
C SER A 372 12.65 13.25 -8.54
N ASP A 373 12.35 12.87 -9.77
CA ASP A 373 13.42 12.67 -10.71
C ASP A 373 13.69 13.92 -11.55
N GLY A 374 13.29 15.09 -11.05
CA GLY A 374 13.38 16.31 -11.82
C GLY A 374 12.49 16.36 -13.04
N GLY A 375 11.61 15.39 -13.20
CA GLY A 375 10.73 15.38 -14.35
C GLY A 375 11.32 14.61 -15.51
N ARG A 376 12.47 13.95 -15.33
CA ARG A 376 13.02 13.20 -16.46
C ARG A 376 12.09 12.19 -17.10
N SER A 377 11.39 11.39 -16.31
CA SER A 377 10.59 10.32 -16.90
C SER A 377 9.37 10.94 -17.59
N PHE A 378 8.80 11.97 -16.99
CA PHE A 378 7.68 12.70 -17.62
C PHE A 378 8.11 13.26 -18.96
N LEU A 379 9.29 13.85 -19.03
CA LEU A 379 9.76 14.50 -20.24
C LEU A 379 9.96 13.55 -21.42
N GLN A 380 10.35 12.30 -21.17
CA GLN A 380 10.54 11.32 -22.22
C GLN A 380 9.22 11.19 -23.07
N ASN A 381 8.04 11.29 -22.44
CA ASN A 381 6.81 11.20 -23.21
C ASN A 381 6.71 12.32 -24.22
N PHE A 382 7.42 13.42 -24.01
CA PHE A 382 7.26 14.58 -24.89
C PHE A 382 8.28 14.69 -26.00
N LYS A 383 9.29 13.82 -26.03
CA LYS A 383 10.29 13.89 -27.10
C LYS A 383 9.65 13.80 -28.48
N GLY A 384 9.82 14.83 -29.29
CA GLY A 384 9.27 14.75 -30.68
C GLY A 384 7.82 15.19 -30.75
N ASP A 385 7.24 15.63 -29.66
CA ASP A 385 5.80 15.94 -29.65
C ASP A 385 5.51 17.45 -29.50
N PHE A 386 4.34 17.92 -29.87
CA PHE A 386 3.93 19.25 -29.49
C PHE A 386 3.66 19.26 -28.01
N VAL A 387 3.79 20.46 -27.44
CA VAL A 387 3.40 20.71 -26.08
C VAL A 387 2.10 21.56 -26.11
N ASP A 388 0.97 20.97 -25.77
CA ASP A 388 -0.28 21.76 -25.69
C ASP A 388 -0.11 23.06 -24.88
N PRO A 389 -0.71 24.15 -25.37
CA PRO A 389 -0.60 25.40 -24.58
C PRO A 389 -1.18 25.30 -23.17
N CYS A 390 -2.13 24.40 -22.93
CA CYS A 390 -2.77 24.36 -21.62
C CYS A 390 -1.79 23.90 -20.52
N LEU A 391 -0.62 23.36 -20.90
CA LEU A 391 0.43 22.98 -19.94
C LEU A 391 1.31 24.16 -19.49
N GLY A 392 1.20 25.31 -20.16
CA GLY A 392 2.00 26.45 -19.77
C GLY A 392 3.47 26.21 -19.98
N ASP A 393 4.26 26.59 -18.99
CA ASP A 393 5.71 26.48 -19.10
C ASP A 393 6.27 25.30 -18.31
N LEU A 394 5.37 24.42 -17.88
CA LEU A 394 5.75 23.21 -17.14
C LEU A 394 6.89 22.47 -17.84
N ILE A 395 6.73 22.20 -19.13
CA ILE A 395 7.73 21.38 -19.84
C ILE A 395 9.04 22.16 -19.94
N LEU A 396 8.92 23.42 -20.30
CA LEU A 396 10.08 24.29 -20.31
C LEU A 396 10.88 24.33 -18.95
N ILE A 397 10.19 24.44 -17.85
CA ILE A 397 10.80 24.47 -16.52
C ILE A 397 11.43 23.14 -16.11
N LEU A 398 10.73 22.03 -16.34
CA LEU A 398 11.26 20.74 -15.99
C LEU A 398 12.54 20.47 -16.77
N ARG A 399 12.65 21.03 -18.00
CA ARG A 399 13.78 20.80 -18.90
C ARG A 399 15.05 21.49 -18.42
N LEU A 400 14.95 22.42 -17.48
CA LEU A 400 16.10 23.15 -17.00
C LEU A 400 17.04 22.26 -16.23
N PRO A 401 18.37 22.48 -16.43
CA PRO A 401 19.40 21.76 -15.68
C PRO A 401 19.13 21.92 -14.20
N SER A 402 19.42 20.88 -13.43
CA SER A 402 19.26 20.93 -11.99
C SER A 402 19.92 22.16 -11.31
N TRP A 403 21.16 22.46 -11.69
CA TRP A 403 21.92 23.55 -11.05
C TRP A 403 21.18 24.85 -11.39
N PHE A 404 20.60 24.93 -12.58
CA PHE A 404 19.90 26.13 -12.98
C PHE A 404 18.58 26.29 -12.19
N LYS A 405 17.86 25.19 -12.02
CA LYS A 405 16.69 25.21 -11.15
C LYS A 405 17.07 25.72 -9.77
N ARG A 406 18.21 25.27 -9.26
CA ARG A 406 18.66 25.65 -7.93
C ARG A 406 18.92 27.14 -7.85
N LEU A 407 19.58 27.70 -8.88
CA LEU A 407 19.99 29.10 -8.85
C LEU A 407 18.77 30.01 -8.92
N LEU A 408 17.87 29.76 -9.86
CA LEU A 408 16.58 30.47 -9.92
C LEU A 408 15.82 30.35 -8.65
N SER A 409 15.84 29.16 -8.06
CA SER A 409 15.18 29.00 -6.83
C SER A 409 15.77 30.01 -5.84
N LEU A 410 17.10 30.05 -5.70
CA LEU A 410 17.75 30.98 -4.76
C LEU A 410 17.39 32.47 -5.04
N LEU A 411 17.49 32.91 -6.31
CA LEU A 411 17.05 34.25 -6.76
C LEU A 411 15.58 34.62 -6.48
N LEU A 412 14.68 33.68 -6.73
CA LEU A 412 13.27 33.93 -6.55
C LEU A 412 12.84 33.99 -5.12
N LYS A 413 13.59 33.35 -4.24
CA LYS A 413 13.13 33.14 -2.88
C LYS A 413 12.78 34.41 -2.04
N PRO A 414 13.63 35.47 -2.09
CA PRO A 414 13.24 36.60 -1.20
C PRO A 414 11.91 37.27 -1.64
N LEU A 415 11.72 37.39 -2.97
CA LEU A 415 10.50 37.97 -3.56
C LEU A 415 9.29 37.00 -3.63
N PHE A 416 9.53 35.77 -4.17
CA PHE A 416 8.44 34.82 -4.45
C PHE A 416 8.71 33.45 -3.88
N PRO A 417 8.60 33.33 -2.55
CA PRO A 417 8.93 32.06 -1.91
C PRO A 417 8.14 30.81 -2.45
N ARG A 418 6.90 30.97 -2.92
CA ARG A 418 6.13 29.81 -3.41
C ARG A 418 6.79 29.21 -4.65
N LEU A 419 7.15 30.07 -5.61
CA LEU A 419 7.71 29.62 -6.88
C LEU A 419 9.04 28.96 -6.62
N ALA A 420 9.80 29.63 -5.78
CA ALA A 420 11.10 29.17 -5.36
C ALA A 420 11.01 27.79 -4.70
N ALA A 421 10.06 27.58 -3.79
CA ALA A 421 10.04 26.32 -3.10
C ALA A 421 9.65 25.21 -4.12
N PHE A 422 8.69 25.51 -5.02
CA PHE A 422 8.26 24.49 -5.99
C PHE A 422 9.42 24.14 -6.92
N LEU A 423 10.17 25.17 -7.27
CA LEU A 423 11.17 24.96 -8.29
C LEU A 423 12.24 24.08 -7.70
N ASN A 424 12.61 24.38 -6.46
CA ASN A 424 13.63 23.60 -5.80
C ASN A 424 13.23 22.13 -5.72
N SER A 425 11.95 21.85 -5.43
CA SER A 425 11.43 20.50 -5.32
C SER A 425 11.27 19.79 -6.64
N MET A 426 11.39 20.48 -7.76
CA MET A 426 11.38 19.81 -9.06
C MET A 426 12.77 19.43 -9.60
N ARG A 427 13.76 19.40 -8.72
CA ARG A 427 15.08 18.96 -9.09
C ARG A 427 15.18 17.40 -8.88
N PRO A 428 16.06 16.75 -9.68
CA PRO A 428 16.26 15.29 -9.56
C PRO A 428 17.01 15.04 -8.26
N ARG A 429 16.70 13.96 -7.59
CA ARG A 429 17.42 13.64 -6.43
C ARG A 429 17.77 12.15 -6.54
N SER A 430 18.52 11.70 -5.53
CA SER A 430 19.01 10.35 -5.46
C SER A 430 17.92 9.43 -4.86
N ALA A 431 18.08 8.13 -5.06
CA ALA A 431 17.30 7.09 -4.32
C ALA A 431 17.31 7.30 -2.80
N GLU A 432 18.48 7.56 -2.25
CA GLU A 432 18.60 7.82 -0.82
C GLU A 432 17.65 8.98 -0.35
N LYS A 433 17.61 10.04 -1.11
CA LYS A 433 16.74 11.15 -0.81
C LYS A 433 15.27 10.83 -1.07
N LEU A 434 14.97 9.98 -2.05
CA LEU A 434 13.56 9.59 -2.25
C LEU A 434 13.12 8.80 -1.04
N TRP A 435 13.97 7.89 -0.55
CA TRP A 435 13.60 7.18 0.69
C TRP A 435 13.27 8.17 1.81
N LYS A 436 14.14 9.13 2.01
CA LYS A 436 13.86 10.12 3.04
C LYS A 436 12.56 10.89 2.77
N LEU A 437 12.34 11.30 1.52
CA LEU A 437 11.00 11.89 1.19
C LEU A 437 9.81 10.95 1.50
N GLN A 438 9.90 9.66 1.08
CA GLN A 438 8.86 8.68 1.34
CA GLN A 438 8.82 8.72 1.36
C GLN A 438 8.56 8.58 2.85
N HIS A 439 9.61 8.56 3.65
CA HIS A 439 9.42 8.54 5.11
C HIS A 439 8.77 9.82 5.69
N GLU A 440 9.23 10.97 5.21
CA GLU A 440 8.55 12.25 5.56
C GLU A 440 7.02 12.27 5.22
N ILE A 441 6.64 11.63 4.12
CA ILE A 441 5.24 11.61 3.74
C ILE A 441 4.51 10.75 4.68
N GLU A 442 5.10 9.61 5.01
CA GLU A 442 4.42 8.80 6.01
C GLU A 442 4.37 9.37 7.43
N MET A 443 5.38 10.14 7.87
CA MET A 443 5.27 10.74 9.21
CA MET A 443 5.32 10.79 9.21
C MET A 443 4.28 11.94 9.18
N TYR A 444 4.19 12.64 8.04
CA TYR A 444 3.25 13.74 7.88
C TYR A 444 1.80 13.23 7.94
N ARG A 445 1.61 12.07 7.34
CA ARG A 445 0.32 11.45 7.38
C ARG A 445 -0.03 11.03 8.81
N GLN A 446 0.96 10.52 9.57
CA GLN A 446 0.60 10.14 10.95
C GLN A 446 0.34 11.44 11.77
N SER A 447 1.11 12.45 11.46
CA SER A 447 0.94 13.72 12.12
C SER A 447 -0.53 14.27 11.95
N VAL A 448 -1.04 14.36 10.70
CA VAL A 448 -2.39 14.86 10.52
C VAL A 448 -3.38 13.92 11.12
N ILE A 449 -3.07 12.64 11.10
CA ILE A 449 -4.07 11.73 11.62
C ILE A 449 -4.13 11.97 13.12
N ALA A 450 -2.96 12.14 13.76
CA ALA A 450 -2.92 12.42 15.22
C ALA A 450 -3.67 13.73 15.56
N GLN A 451 -3.52 14.70 14.70
CA GLN A 451 -4.09 16.03 14.90
C GLN A 451 -5.60 15.91 14.76
N TRP A 452 -6.07 15.09 13.79
CA TRP A 452 -7.50 14.80 13.60
C TRP A 452 -8.09 14.05 14.80
N LYS A 453 -7.39 13.04 15.32
CA LYS A 453 -7.96 12.32 16.45
C LYS A 453 -7.95 13.13 17.76
N ALA A 454 -7.00 14.04 17.92
CA ALA A 454 -6.95 14.85 19.13
C ALA A 454 -8.22 15.71 19.18
N MET A 455 -8.85 16.02 18.03
CA MET A 455 -10.09 16.83 17.99
C MET A 455 -11.31 15.90 17.91
N ASN A 456 -11.04 14.60 17.93
CA ASN A 456 -12.05 13.59 17.74
C ASN A 456 -13.00 13.85 16.50
N LEU A 457 -12.43 14.31 15.37
CA LEU A 457 -13.19 14.54 14.12
C LEU A 457 -13.77 13.21 13.56
N ASP A 458 -14.97 13.25 13.01
CA ASP A 458 -15.45 12.17 12.15
C ASP A 458 -15.06 12.44 10.68
N VAL A 459 -15.21 13.71 10.26
CA VAL A 459 -14.95 14.10 8.90
C VAL A 459 -14.43 15.52 8.90
N LEU A 460 -14.10 16.01 7.71
CA LEU A 460 -13.55 17.31 7.57
C LEU A 460 -14.21 17.94 6.33
N LEU A 461 -14.62 19.21 6.42
CA LEU A 461 -15.22 19.99 5.31
C LEU A 461 -14.26 21.09 4.88
N THR A 462 -14.01 21.27 3.58
CA THR A 462 -13.05 22.28 3.20
C THR A 462 -13.58 22.98 1.96
N PRO A 463 -13.01 24.14 1.63
CA PRO A 463 -13.40 24.74 0.36
C PRO A 463 -12.98 23.81 -0.80
N MET A 464 -13.61 23.97 -1.94
CA MET A 464 -13.08 23.38 -3.12
C MET A 464 -12.87 24.44 -4.18
N LEU A 465 -11.76 24.37 -4.90
CA LEU A 465 -11.45 25.40 -5.86
C LEU A 465 -12.57 25.60 -6.89
N GLY A 466 -12.86 26.88 -7.17
CA GLY A 466 -13.93 27.24 -8.09
C GLY A 466 -14.30 28.72 -7.94
N PRO A 467 -15.12 29.24 -8.87
CA PRO A 467 -15.73 28.49 -9.98
C PRO A 467 -14.66 28.24 -11.02
N ALA A 468 -15.01 27.56 -12.12
CA ALA A 468 -14.12 27.21 -13.18
C ALA A 468 -13.26 28.37 -13.61
N LEU A 469 -12.00 28.05 -13.90
CA LEU A 469 -11.06 28.98 -14.42
C LEU A 469 -11.26 29.04 -15.94
N ASP A 470 -10.90 30.21 -16.54
CA ASP A 470 -10.77 30.40 -17.97
C ASP A 470 -9.89 29.31 -18.59
N LEU A 471 -10.26 28.90 -19.79
CA LEU A 471 -9.43 28.04 -20.57
C LEU A 471 -8.01 28.53 -20.50
N ASN A 472 -7.07 27.56 -20.45
CA ASN A 472 -5.61 27.78 -20.52
C ASN A 472 -5.05 28.50 -19.35
N THR A 473 -5.81 28.68 -18.27
CA THR A 473 -5.18 29.20 -17.05
C THR A 473 -4.80 28.18 -15.93
N PRO A 474 -5.53 27.04 -15.81
CA PRO A 474 -5.04 26.08 -14.78
C PRO A 474 -3.55 25.84 -14.86
N GLY A 475 -2.99 25.73 -16.05
CA GLY A 475 -1.58 25.43 -16.17
C GLY A 475 -0.64 26.57 -15.75
N ARG A 476 -1.19 27.74 -15.43
CA ARG A 476 -0.37 28.87 -15.02
C ARG A 476 -0.75 29.29 -13.60
N ALA A 477 -1.56 28.47 -12.95
CA ALA A 477 -1.99 28.81 -11.63
C ALA A 477 -1.82 27.59 -10.70
N THR A 478 -0.61 27.02 -10.69
CA THR A 478 -0.35 25.76 -9.98
C THR A 478 -0.70 25.84 -8.50
N GLY A 479 -0.60 27.06 -7.90
CA GLY A 479 -0.79 27.20 -6.46
C GLY A 479 -2.18 26.80 -6.06
N ALA A 480 -3.08 26.88 -7.06
CA ALA A 480 -4.45 26.61 -6.80
C ALA A 480 -4.71 25.13 -6.54
N ILE A 481 -3.72 24.27 -6.79
CA ILE A 481 -3.90 22.84 -6.43
C ILE A 481 -3.95 22.57 -4.94
N SER A 482 -3.79 23.60 -4.11
CA SER A 482 -3.56 23.36 -2.68
C SER A 482 -4.74 22.71 -1.98
N TYR A 483 -5.95 23.06 -2.40
CA TYR A 483 -7.12 22.42 -1.72
C TYR A 483 -7.22 20.90 -1.98
N THR A 484 -6.74 20.45 -3.13
CA THR A 484 -6.99 19.07 -3.48
C THR A 484 -5.79 18.12 -3.23
N VAL A 485 -4.60 18.55 -3.66
CA VAL A 485 -3.45 17.66 -3.66
C VAL A 485 -3.04 17.31 -2.23
N LEU A 486 -3.36 18.20 -1.29
CA LEU A 486 -3.08 17.85 0.08
C LEU A 486 -3.62 16.48 0.39
N TYR A 487 -4.79 16.14 -0.13
CA TYR A 487 -5.39 14.83 0.22
C TYR A 487 -4.88 13.63 -0.59
N ASN A 488 -4.15 13.88 -1.66
CA ASN A 488 -3.35 12.83 -2.37
C ASN A 488 -2.09 12.56 -1.52
N CYS A 489 -1.45 13.66 -1.06
CA CYS A 489 -0.26 13.55 -0.23
C CYS A 489 -0.63 12.69 1.00
N LEU A 490 -1.69 13.07 1.69
CA LEU A 490 -2.14 12.36 2.87
C LEU A 490 -2.82 11.05 2.53
N ASP A 491 -3.18 10.90 1.24
CA ASP A 491 -3.97 9.72 0.80
C ASP A 491 -5.21 9.46 1.69
N PHE A 492 -6.07 10.47 1.81
CA PHE A 492 -7.38 10.36 2.49
C PHE A 492 -8.39 10.31 1.39
N PRO A 493 -9.48 9.56 1.54
CA PRO A 493 -10.62 9.75 0.60
C PRO A 493 -11.19 11.22 0.61
N ALA A 494 -11.48 11.81 -0.55
CA ALA A 494 -12.01 13.13 -0.56
C ALA A 494 -12.90 13.26 -1.77
N GLY A 495 -14.09 13.86 -1.57
CA GLY A 495 -15.03 14.03 -2.68
C GLY A 495 -15.63 15.42 -2.73
N VAL A 496 -16.28 15.75 -3.83
CA VAL A 496 -16.88 17.08 -3.94
C VAL A 496 -18.34 17.04 -4.33
N VAL A 497 -19.07 18.03 -3.84
CA VAL A 497 -20.51 18.13 -4.01
C VAL A 497 -20.80 19.60 -4.43
N PRO A 498 -21.51 19.83 -5.57
CA PRO A 498 -21.89 21.24 -5.91
C PRO A 498 -22.92 21.73 -4.88
N VAL A 499 -22.76 22.95 -4.38
CA VAL A 499 -23.68 23.38 -3.36
C VAL A 499 -24.29 24.75 -3.68
N THR A 500 -23.70 25.55 -4.57
CA THR A 500 -24.27 26.87 -4.86
C THR A 500 -23.81 27.27 -6.28
N THR A 501 -24.24 28.45 -6.76
CA THR A 501 -23.79 28.95 -8.07
C THR A 501 -23.28 30.33 -7.77
N VAL A 502 -22.36 30.80 -8.57
CA VAL A 502 -21.84 32.14 -8.40
C VAL A 502 -22.93 33.19 -8.69
N THR A 503 -23.14 34.09 -7.73
CA THR A 503 -24.06 35.25 -7.92
C THR A 503 -23.28 36.44 -8.39
N ALA A 504 -23.99 37.43 -8.96
CA ALA A 504 -23.37 38.65 -9.45
C ALA A 504 -22.56 39.34 -8.36
N GLU A 505 -23.05 39.30 -7.12
CA GLU A 505 -22.31 39.81 -5.93
C GLU A 505 -20.92 39.04 -5.78
N ASP A 506 -20.95 37.68 -5.73
CA ASP A 506 -19.72 36.85 -5.61
C ASP A 506 -18.78 37.26 -6.74
N ASP A 507 -19.29 37.37 -7.97
CA ASP A 507 -18.40 37.78 -9.09
C ASP A 507 -17.81 39.15 -8.90
N ALA A 508 -18.61 40.08 -8.40
CA ALA A 508 -18.11 41.46 -8.35
C ALA A 508 -17.06 41.54 -7.28
N GLN A 509 -17.24 40.75 -6.23
CA GLN A 509 -16.24 40.78 -5.13
C GLN A 509 -14.82 40.29 -5.51
N MET A 510 -14.70 39.75 -6.73
CA MET A 510 -13.43 39.31 -7.27
C MET A 510 -12.58 40.51 -7.54
N GLU A 511 -13.20 41.67 -7.80
CA GLU A 511 -12.37 42.93 -7.92
C GLU A 511 -11.45 43.13 -6.71
N LEU A 512 -11.94 42.80 -5.51
CA LEU A 512 -11.22 42.98 -4.27
C LEU A 512 -10.25 41.78 -3.93
N TYR A 513 -10.19 40.75 -4.81
CA TYR A 513 -9.41 39.51 -4.56
C TYR A 513 -7.94 39.85 -4.53
N LYS A 514 -7.26 39.54 -3.43
CA LYS A 514 -5.82 39.83 -3.44
C LYS A 514 -4.95 38.57 -3.60
N GLY A 515 -5.16 37.55 -2.78
CA GLY A 515 -4.18 36.45 -2.79
C GLY A 515 -3.23 36.64 -1.59
N TYR A 516 -2.67 35.58 -1.05
CA TYR A 516 -1.79 35.75 0.10
C TYR A 516 -0.34 36.11 -0.21
N PHE A 517 0.07 35.99 -1.47
CA PHE A 517 1.47 36.00 -1.85
C PHE A 517 1.77 37.10 -2.85
N GLY A 518 0.71 37.51 -3.54
CA GLY A 518 0.78 38.37 -4.70
C GLY A 518 1.77 37.94 -5.76
N ASP A 519 2.07 36.65 -5.86
CA ASP A 519 2.89 36.19 -6.92
C ASP A 519 2.04 35.98 -8.23
N ILE A 520 2.70 35.55 -9.29
CA ILE A 520 2.06 35.40 -10.59
C ILE A 520 0.89 34.39 -10.52
N TRP A 521 0.99 33.36 -9.67
CA TRP A 521 -0.11 32.45 -9.49
C TRP A 521 -1.33 33.10 -8.85
N ASP A 522 -1.12 33.96 -7.85
CA ASP A 522 -2.27 34.75 -7.30
C ASP A 522 -2.90 35.64 -8.40
N ILE A 523 -2.05 36.29 -9.19
CA ILE A 523 -2.47 37.17 -10.28
C ILE A 523 -3.27 36.46 -11.37
N ILE A 524 -2.78 35.29 -11.83
CA ILE A 524 -3.49 34.53 -12.88
C ILE A 524 -4.86 34.07 -12.35
N LEU A 525 -4.86 33.59 -11.11
CA LEU A 525 -6.04 32.98 -10.54
C LEU A 525 -7.14 34.01 -10.34
N LYS A 526 -6.70 35.23 -10.05
CA LYS A 526 -7.63 36.29 -9.75
C LYS A 526 -8.39 36.60 -11.03
N LYS A 527 -7.67 36.77 -12.13
CA LYS A 527 -8.30 36.98 -13.41
C LYS A 527 -9.12 35.76 -13.89
N ALA A 528 -8.50 34.57 -13.88
CA ALA A 528 -9.14 33.32 -14.29
C ALA A 528 -10.50 33.05 -13.61
N MET A 529 -10.70 33.48 -12.35
CA MET A 529 -11.99 33.19 -11.71
C MET A 529 -13.13 34.20 -11.97
N LYS A 530 -12.83 35.28 -12.73
CA LYS A 530 -13.86 36.36 -12.97
C LYS A 530 -14.76 35.92 -14.11
N ASN A 531 -15.84 36.67 -14.36
CA ASN A 531 -16.81 36.36 -15.42
C ASN A 531 -17.34 34.95 -15.30
N SER A 532 -17.94 34.63 -14.14
CA SER A 532 -18.40 33.32 -13.75
C SER A 532 -19.80 33.25 -13.13
N VAL A 533 -20.62 34.30 -13.31
CA VAL A 533 -21.95 34.35 -12.65
C VAL A 533 -22.68 33.15 -13.18
N GLY A 534 -23.42 32.44 -12.31
CA GLY A 534 -24.16 31.29 -12.79
C GLY A 534 -23.36 29.94 -12.80
N LEU A 535 -22.05 29.97 -12.62
CA LEU A 535 -21.28 28.68 -12.52
C LEU A 535 -21.39 27.94 -11.18
N PRO A 536 -21.33 26.61 -11.22
CA PRO A 536 -21.51 25.88 -10.00
C PRO A 536 -20.24 25.96 -9.12
N VAL A 537 -20.42 25.81 -7.80
CA VAL A 537 -19.32 25.92 -6.87
C VAL A 537 -19.57 24.86 -5.85
N ALA A 538 -18.49 24.21 -5.44
CA ALA A 538 -18.62 23.02 -4.56
C ALA A 538 -17.94 23.23 -3.20
N VAL A 539 -18.19 22.30 -2.29
CA VAL A 539 -17.31 22.10 -1.15
C VAL A 539 -16.68 20.66 -1.28
N GLN A 540 -15.68 20.39 -0.40
CA GLN A 540 -14.92 19.16 -0.42
C GLN A 540 -15.14 18.43 0.92
N CYS A 541 -15.39 17.12 0.85
CA CYS A 541 -15.59 16.31 2.06
C CYS A 541 -14.51 15.29 2.16
N VAL A 542 -14.03 15.07 3.37
CA VAL A 542 -12.80 14.29 3.63
C VAL A 542 -13.09 13.41 4.81
N ALA A 543 -12.65 12.16 4.71
CA ALA A 543 -12.67 11.23 5.87
C ALA A 543 -11.27 10.57 6.00
N LEU A 544 -11.08 9.77 7.01
CA LEU A 544 -9.77 9.12 7.18
C LEU A 544 -9.55 8.01 6.10
N PRO A 545 -8.29 7.51 5.93
CA PRO A 545 -8.08 6.42 4.99
C PRO A 545 -9.00 5.23 5.19
N TRP A 546 -9.39 4.63 4.06
CA TRP A 546 -10.28 3.49 4.00
C TRP A 546 -11.70 3.87 4.45
N GLN A 547 -12.01 5.16 4.52
CA GLN A 547 -13.27 5.53 5.04
C GLN A 547 -14.20 6.19 3.97
N GLU A 548 -14.23 5.58 2.78
CA GLU A 548 -15.03 6.01 1.67
C GLU A 548 -16.53 6.04 2.03
N GLU A 549 -16.99 5.08 2.82
CA GLU A 549 -18.40 4.98 3.08
C GLU A 549 -18.83 6.16 3.96
N LEU A 550 -18.01 6.53 4.94
CA LEU A 550 -18.27 7.69 5.78
C LEU A 550 -18.08 8.98 4.94
N CYS A 551 -17.02 9.10 4.15
CA CYS A 551 -16.89 10.24 3.27
C CYS A 551 -18.24 10.45 2.46
N LEU A 552 -18.76 9.37 1.91
CA LEU A 552 -19.98 9.39 1.12
C LEU A 552 -21.20 9.74 1.96
N ARG A 553 -21.33 9.18 3.16
CA ARG A 553 -22.43 9.56 4.00
C ARG A 553 -22.41 11.05 4.23
N PHE A 554 -21.20 11.59 4.41
CA PHE A 554 -21.05 12.98 4.73
C PHE A 554 -21.42 13.76 3.48
N MET A 555 -20.92 13.28 2.33
CA MET A 555 -21.24 13.99 1.08
C MET A 555 -22.80 14.02 0.85
N ARG A 556 -23.47 12.92 1.18
CA ARG A 556 -24.87 12.81 0.91
C ARG A 556 -25.60 13.82 1.81
N GLU A 557 -25.21 13.86 3.06
CA GLU A 557 -25.69 14.93 3.91
C GLU A 557 -25.50 16.36 3.36
N VAL A 558 -24.32 16.70 2.89
CA VAL A 558 -24.12 18.03 2.36
C VAL A 558 -25.11 18.28 1.16
N GLU A 559 -25.32 17.26 0.33
CA GLU A 559 -26.10 17.39 -0.87
C GLU A 559 -27.56 17.63 -0.50
N GLN A 560 -28.02 16.88 0.46
CA GLN A 560 -29.37 16.91 0.91
C GLN A 560 -29.68 18.26 1.58
N LEU A 561 -28.75 18.80 2.38
CA LEU A 561 -28.97 20.07 3.08
C LEU A 561 -28.81 21.27 2.15
N MET A 562 -27.99 21.16 1.12
CA MET A 562 -27.70 22.33 0.31
C MET A 562 -28.47 22.38 -0.98
N THR A 563 -28.97 21.27 -1.42
CA THR A 563 -29.63 21.25 -2.71
C THR A 563 -30.73 20.29 -2.47
N PRO A 564 -31.72 20.69 -1.64
CA PRO A 564 -32.80 19.73 -1.27
C PRO A 564 -33.61 19.25 -2.52
N GLN A 565 -34.15 20.20 -3.32
CA GLN A 565 -34.72 19.88 -4.67
C GLN A 565 -33.75 20.18 -5.86
N THR B 22 37.07 6.30 13.35
CA THR B 22 37.09 4.85 13.80
C THR B 22 37.92 4.56 15.10
N GLY B 23 37.54 5.24 16.20
CA GLY B 23 37.90 4.82 17.58
C GLY B 23 36.71 3.99 18.05
N ARG B 24 36.87 3.24 19.14
CA ARG B 24 35.79 2.33 19.57
C ARG B 24 35.29 2.56 20.97
N GLN B 25 35.67 3.68 21.56
CA GLN B 25 35.31 3.91 22.96
C GLN B 25 33.82 4.11 23.20
N LYS B 26 33.13 4.89 22.36
CA LYS B 26 31.67 4.95 22.48
C LYS B 26 31.00 3.52 22.36
N ALA B 27 31.44 2.74 21.36
CA ALA B 27 30.84 1.38 21.16
C ALA B 27 31.04 0.49 22.39
N ARG B 28 32.24 0.59 23.00
CA ARG B 28 32.52 -0.25 24.23
C ARG B 28 31.67 0.13 25.37
N GLY B 29 31.48 1.45 25.55
CA GLY B 29 30.66 1.92 26.69
C GLY B 29 29.22 1.51 26.48
N ALA B 30 28.73 1.61 25.22
CA ALA B 30 27.33 1.14 24.90
C ALA B 30 27.14 -0.37 25.26
N ALA B 31 28.13 -1.20 24.93
CA ALA B 31 28.09 -2.68 25.27
C ALA B 31 28.07 -2.95 26.76
N THR B 32 28.90 -2.20 27.49
CA THR B 32 28.95 -2.29 28.96
C THR B 32 27.61 -1.94 29.59
N ARG B 33 27.02 -0.84 29.12
CA ARG B 33 25.69 -0.45 29.63
C ARG B 33 24.61 -1.47 29.25
N ALA B 34 24.66 -1.92 28.01
CA ALA B 34 23.62 -2.85 27.55
C ALA B 34 23.79 -4.14 28.33
N ARG B 35 25.04 -4.58 28.51
CA ARG B 35 25.23 -5.86 29.21
C ARG B 35 24.82 -5.77 30.66
N GLN B 36 25.07 -4.61 31.27
CA GLN B 36 24.57 -4.35 32.66
C GLN B 36 23.06 -4.38 32.77
N LYS B 37 22.40 -3.71 31.84
CA LYS B 37 20.92 -3.70 31.84
C LYS B 37 20.35 -5.09 31.63
N GLN B 38 20.95 -5.86 30.73
CA GLN B 38 20.47 -7.22 30.46
C GLN B 38 20.64 -8.05 31.73
N ARG B 39 21.82 -7.91 32.33
CA ARG B 39 22.13 -8.68 33.56
C ARG B 39 21.15 -8.34 34.66
N ALA B 40 20.87 -7.04 34.88
CA ALA B 40 19.91 -6.64 35.92
C ALA B 40 18.45 -7.08 35.58
N SER B 41 18.06 -7.03 34.30
CA SER B 41 16.71 -7.57 33.92
C SER B 41 16.56 -9.02 34.33
N LEU B 42 17.60 -9.79 33.99
CA LEU B 42 17.60 -11.23 34.33
C LEU B 42 17.51 -11.47 35.86
N GLU B 43 18.15 -10.58 36.62
CA GLU B 43 18.22 -10.68 38.11
C GLU B 43 16.82 -10.37 38.60
N THR B 44 16.22 -9.31 38.09
CA THR B 44 14.83 -9.00 38.53
C THR B 44 13.86 -10.14 38.21
N MET B 45 14.06 -10.79 37.06
CA MET B 45 13.09 -11.79 36.60
C MET B 45 13.17 -12.91 37.60
N ASP B 46 14.41 -13.30 37.91
CA ASP B 46 14.72 -14.40 38.84
C ASP B 46 14.20 -14.14 40.25
N LYS B 47 14.41 -12.92 40.76
CA LYS B 47 13.80 -12.55 42.07
C LYS B 47 12.29 -12.70 42.01
N ALA B 48 11.67 -12.16 40.94
CA ALA B 48 10.18 -12.23 40.87
C ALA B 48 9.68 -13.67 40.80
N VAL B 49 10.40 -14.51 40.08
CA VAL B 49 10.05 -15.94 39.95
C VAL B 49 10.20 -16.67 41.29
N GLN B 50 11.29 -16.39 42.01
CA GLN B 50 11.54 -17.02 43.35
C GLN B 50 10.41 -16.68 44.33
N ARG B 51 10.12 -15.39 44.46
CA ARG B 51 9.05 -14.89 45.28
C ARG B 51 7.77 -15.63 44.93
N PHE B 52 7.39 -15.66 43.65
CA PHE B 52 6.19 -16.40 43.25
C PHE B 52 6.17 -17.89 43.65
N ARG B 53 7.26 -18.61 43.33
CA ARG B 53 7.35 -20.08 43.55
C ARG B 53 7.25 -20.45 45.05
N LEU B 54 7.85 -19.60 45.89
CA LEU B 54 7.73 -19.69 47.35
C LEU B 54 6.25 -19.64 47.82
N GLN B 55 5.48 -18.66 47.33
CA GLN B 55 4.06 -18.46 47.68
C GLN B 55 3.15 -19.56 47.08
N ASN B 56 3.67 -20.35 46.14
CA ASN B 56 2.84 -21.31 45.39
C ASN B 56 3.61 -22.56 45.07
N PRO B 57 4.07 -23.31 46.11
CA PRO B 57 4.95 -24.46 45.78
C PRO B 57 4.20 -25.68 45.19
N ASP B 58 2.88 -25.65 45.17
CA ASP B 58 2.04 -26.81 44.81
C ASP B 58 1.56 -26.83 43.32
N LEU B 59 1.87 -25.76 42.60
CA LEU B 59 1.45 -25.55 41.22
C LEU B 59 2.14 -26.54 40.28
N ASP B 60 1.37 -27.22 39.44
CA ASP B 60 1.99 -28.11 38.45
C ASP B 60 2.46 -27.25 37.24
N SER B 61 3.75 -26.89 37.28
CA SER B 61 4.25 -25.91 36.38
C SER B 61 4.53 -26.49 34.98
N GLU B 62 4.93 -27.75 34.90
CA GLU B 62 5.09 -28.45 33.64
C GLU B 62 3.72 -28.74 32.94
N ALA B 63 2.67 -29.02 33.70
CA ALA B 63 1.30 -29.12 33.12
C ALA B 63 0.96 -27.78 32.41
N LEU B 64 1.18 -26.67 33.11
CA LEU B 64 0.82 -25.35 32.60
C LEU B 64 1.63 -25.02 31.32
N LEU B 65 2.95 -25.30 31.32
CA LEU B 65 3.86 -24.93 30.27
C LEU B 65 3.63 -25.71 29.00
N THR B 66 3.03 -26.88 29.12
CA THR B 66 2.89 -27.74 27.98
C THR B 66 1.46 -27.66 27.47
N LEU B 67 0.53 -26.99 28.16
CA LEU B 67 -0.75 -26.66 27.50
C LEU B 67 -0.54 -25.88 26.21
N PRO B 68 -1.18 -26.31 25.11
CA PRO B 68 -1.25 -25.48 23.87
C PRO B 68 -1.91 -24.14 24.20
N LEU B 69 -1.48 -23.08 23.53
CA LEU B 69 -2.05 -21.76 23.80
C LEU B 69 -3.59 -21.69 23.86
N LEU B 70 -4.27 -22.29 22.89
CA LEU B 70 -5.74 -22.24 22.92
C LEU B 70 -6.31 -22.72 24.25
N GLN B 71 -5.75 -23.82 24.77
CA GLN B 71 -6.19 -24.39 26.05
C GLN B 71 -5.74 -23.52 27.23
N LEU B 72 -4.55 -22.91 27.12
CA LEU B 72 -4.11 -21.95 28.14
C LEU B 72 -5.11 -20.77 28.19
N VAL B 73 -5.53 -20.28 27.02
CA VAL B 73 -6.45 -19.15 26.92
C VAL B 73 -7.80 -19.54 27.51
N GLN B 74 -8.24 -20.75 27.21
CA GLN B 74 -9.52 -21.18 27.74
C GLN B 74 -9.53 -21.28 29.32
N LYS B 75 -8.46 -21.83 29.90
CA LYS B 75 -8.36 -21.89 31.36
C LYS B 75 -8.22 -20.55 31.98
N LEU B 76 -7.56 -19.65 31.29
CA LEU B 76 -7.44 -18.29 31.81
C LEU B 76 -8.84 -17.64 31.85
N GLN B 77 -9.65 -18.00 30.84
CA GLN B 77 -10.91 -17.31 30.60
C GLN B 77 -11.93 -17.89 31.58
N SER B 78 -11.87 -19.17 31.83
CA SER B 78 -12.70 -19.77 32.85
C SER B 78 -12.31 -19.43 34.30
N GLY B 79 -11.04 -19.04 34.56
CA GLY B 79 -10.61 -18.72 35.94
C GLY B 79 -9.89 -19.90 36.52
N GLU B 80 -9.85 -21.00 35.80
CA GLU B 80 -9.11 -22.15 36.26
C GLU B 80 -7.60 -21.88 36.53
N LEU B 81 -6.95 -21.11 35.64
CA LEU B 81 -5.61 -20.57 35.88
C LEU B 81 -5.74 -19.07 36.04
N SER B 82 -5.03 -18.52 37.01
CA SER B 82 -4.98 -17.08 37.17
C SER B 82 -3.93 -16.53 36.22
N PRO B 83 -4.02 -15.23 35.91
CA PRO B 83 -2.95 -14.65 35.12
C PRO B 83 -1.54 -14.73 35.79
N GLU B 84 -1.50 -14.45 37.11
CA GLU B 84 -0.23 -14.50 37.87
C GLU B 84 0.50 -15.80 37.70
N ALA B 85 -0.22 -16.91 37.80
CA ALA B 85 0.39 -18.24 37.74
C ALA B 85 0.90 -18.52 36.32
N VAL B 86 0.09 -18.16 35.31
CA VAL B 86 0.57 -18.32 33.96
C VAL B 86 1.83 -17.47 33.80
N PHE B 87 1.80 -16.26 34.30
CA PHE B 87 2.83 -15.31 33.97
C PHE B 87 4.15 -15.69 34.60
N PHE B 88 4.14 -15.93 35.91
CA PHE B 88 5.40 -16.26 36.60
C PHE B 88 5.92 -17.67 36.29
N THR B 89 5.03 -18.59 35.96
CA THR B 89 5.47 -19.88 35.50
C THR B 89 6.19 -19.70 34.16
N TYR B 90 5.61 -18.92 33.23
CA TYR B 90 6.35 -18.75 31.94
C TYR B 90 7.60 -17.92 32.18
N LEU B 91 7.51 -16.94 33.09
CA LEU B 91 8.75 -16.11 33.39
C LEU B 91 9.97 -16.95 33.82
N GLY B 92 9.72 -17.92 34.70
CA GLY B 92 10.78 -18.80 35.16
C GLY B 92 11.30 -19.68 34.04
N LYS B 93 10.37 -20.14 33.19
CA LYS B 93 10.77 -20.97 32.07
C LYS B 93 11.68 -20.16 31.17
N ALA B 94 11.25 -18.94 30.81
CA ALA B 94 12.07 -18.05 30.01
C ALA B 94 13.45 -17.81 30.63
N TRP B 95 13.51 -17.57 31.92
CA TRP B 95 14.82 -17.22 32.57
C TRP B 95 15.74 -18.43 32.43
N GLU B 96 15.19 -19.59 32.72
CA GLU B 96 15.89 -20.88 32.51
C GLU B 96 16.35 -21.14 31.10
N VAL B 97 15.46 -20.98 30.11
CA VAL B 97 15.96 -21.31 28.75
C VAL B 97 16.94 -20.26 28.29
N ASN B 98 16.79 -19.03 28.79
CA ASN B 98 17.78 -18.00 28.44
C ASN B 98 19.24 -18.36 28.79
N LYS B 99 19.42 -19.17 29.83
CA LYS B 99 20.77 -19.59 30.32
C LYS B 99 21.50 -20.27 29.21
N GLY B 100 20.82 -21.17 28.49
CA GLY B 100 21.43 -21.87 27.38
C GLY B 100 21.30 -21.18 26.02
N THR B 101 20.47 -20.13 25.86
CA THR B 101 20.30 -19.54 24.52
C THR B 101 20.71 -18.12 24.34
N ASN B 102 20.74 -17.37 25.46
CA ASN B 102 20.96 -15.92 25.42
C ASN B 102 19.97 -15.23 24.41
N CYS B 103 18.68 -15.48 24.59
CA CYS B 103 17.70 -14.94 23.68
C CYS B 103 17.08 -13.63 24.23
N VAL B 104 17.04 -13.45 25.56
CA VAL B 104 16.38 -12.31 26.19
C VAL B 104 17.34 -11.11 26.36
N THR B 105 16.99 -9.97 25.82
CA THR B 105 17.87 -8.83 25.96
C THR B 105 17.34 -7.97 27.13
N SER B 106 16.04 -7.97 27.39
CA SER B 106 15.48 -7.09 28.40
C SER B 106 14.19 -7.60 29.00
N TYR B 107 14.01 -7.41 30.30
CA TYR B 107 12.76 -7.78 30.96
C TYR B 107 11.86 -6.54 30.95
N LEU B 108 10.60 -6.65 30.52
CA LEU B 108 9.81 -5.41 30.36
C LEU B 108 9.19 -5.02 31.76
N THR B 109 9.86 -4.13 32.49
CA THR B 109 9.76 -4.14 34.00
C THR B 109 8.34 -3.86 34.47
N ASP B 110 7.62 -3.00 33.73
CA ASP B 110 6.23 -2.64 34.02
C ASP B 110 5.17 -3.73 33.71
N CYS B 111 5.62 -4.89 33.24
CA CYS B 111 4.63 -5.94 32.88
C CYS B 111 3.83 -6.51 34.03
N GLU B 112 4.33 -6.38 35.28
CA GLU B 112 3.57 -6.85 36.44
C GLU B 112 2.37 -6.01 36.74
N THR B 113 2.42 -4.74 36.33
CA THR B 113 1.29 -3.83 36.43
C THR B 113 0.26 -4.11 35.31
N GLN B 114 0.75 -4.29 34.08
CA GLN B 114 -0.12 -4.65 32.98
C GLN B 114 -0.89 -5.93 33.34
N LEU B 115 -0.20 -6.87 34.00
CA LEU B 115 -0.79 -8.17 34.37
C LEU B 115 -2.04 -7.99 35.21
N SER B 116 -1.97 -7.03 36.11
CA SER B 116 -3.09 -6.80 37.02
C SER B 116 -4.21 -5.98 36.33
N GLN B 117 -3.89 -5.23 35.28
CA GLN B 117 -4.95 -4.51 34.53
C GLN B 117 -5.41 -5.19 33.21
N ALA B 118 -5.03 -6.44 32.97
CA ALA B 118 -5.34 -7.08 31.70
C ALA B 118 -6.86 -7.10 31.55
N PRO B 119 -7.42 -6.57 30.44
CA PRO B 119 -8.90 -6.66 30.25
C PRO B 119 -9.40 -8.11 30.13
N ARG B 120 -10.28 -8.46 31.08
CA ARG B 120 -10.84 -9.78 31.25
C ARG B 120 -11.55 -10.27 29.98
N GLN B 121 -12.00 -9.38 29.11
CA GLN B 121 -12.66 -9.82 27.88
C GLN B 121 -11.73 -9.89 26.65
N GLY B 122 -10.47 -9.52 26.86
CA GLY B 122 -9.50 -9.58 25.78
C GLY B 122 -9.35 -10.98 25.22
N LEU B 123 -9.21 -11.09 23.92
CA LEU B 123 -9.01 -12.40 23.30
C LEU B 123 -7.71 -13.09 23.77
N LEU B 124 -6.79 -12.33 24.38
CA LEU B 124 -5.50 -12.87 24.80
C LEU B 124 -5.24 -12.61 26.31
N TYR B 125 -6.34 -12.49 27.06
CA TYR B 125 -6.33 -12.23 28.48
C TYR B 125 -5.39 -13.18 29.19
N GLY B 126 -4.37 -12.61 29.82
CA GLY B 126 -3.45 -13.41 30.63
C GLY B 126 -2.32 -14.04 29.85
N VAL B 127 -2.23 -13.76 28.54
CA VAL B 127 -1.23 -14.50 27.72
C VAL B 127 0.12 -13.78 27.77
N PRO B 128 1.19 -14.41 28.27
CA PRO B 128 2.46 -13.63 28.24
C PRO B 128 2.99 -13.68 26.83
N VAL B 129 3.56 -12.60 26.36
CA VAL B 129 3.94 -12.56 24.97
C VAL B 129 5.35 -12.01 24.91
N SER B 130 6.19 -12.55 24.04
CA SER B 130 7.54 -12.03 23.91
C SER B 130 7.63 -11.13 22.70
N LEU B 131 8.56 -10.16 22.72
CA LEU B 131 8.58 -9.23 21.63
C LEU B 131 9.96 -9.09 21.09
N LYS B 132 10.07 -9.16 19.75
CA LYS B 132 11.34 -8.92 19.14
C LYS B 132 11.72 -7.49 19.50
N GLU B 133 13.01 -7.27 19.64
CA GLU B 133 13.55 -6.04 20.24
C GLU B 133 13.14 -4.78 19.50
N CYS B 134 12.83 -4.86 18.21
CA CYS B 134 12.48 -3.67 17.44
C CYS B 134 11.05 -3.19 17.71
N PHE B 135 10.25 -3.93 18.43
CA PHE B 135 8.91 -3.39 18.80
C PHE B 135 9.04 -2.38 19.98
N SER B 136 8.88 -1.10 19.69
CA SER B 136 9.06 -0.04 20.69
C SER B 136 8.21 -0.39 21.82
N TYR B 137 8.82 -0.30 23.00
CA TYR B 137 8.14 -0.59 24.20
C TYR B 137 8.54 0.54 25.19
N LYS B 138 7.56 1.19 25.79
CA LYS B 138 7.84 2.48 26.52
C LYS B 138 8.87 2.30 27.60
N GLY B 139 9.91 3.12 27.64
CA GLY B 139 10.90 3.01 28.66
C GLY B 139 12.08 2.13 28.26
N HIS B 140 12.07 1.42 27.10
CA HIS B 140 13.19 0.48 26.83
C HIS B 140 13.87 0.83 25.54
N ASP B 141 15.18 0.68 25.45
CA ASP B 141 15.82 0.78 24.11
C ASP B 141 15.20 -0.24 23.09
N SER B 142 15.28 0.11 21.83
CA SER B 142 15.26 -0.87 20.77
C SER B 142 16.61 -0.64 20.12
N THR B 143 17.65 -1.31 20.59
CA THR B 143 19.02 -1.01 20.06
C THR B 143 19.27 -1.50 18.69
N LEU B 144 18.57 -2.59 18.31
CA LEU B 144 19.00 -3.36 17.10
C LEU B 144 20.46 -3.77 17.18
N GLY B 145 20.94 -4.00 18.42
CA GLY B 145 22.37 -4.30 18.64
C GLY B 145 23.32 -3.22 18.14
N LEU B 146 22.83 -1.99 17.91
CA LEU B 146 23.73 -0.92 17.48
C LEU B 146 23.98 0.15 18.56
N SER B 147 25.25 0.52 18.74
CA SER B 147 25.62 1.40 19.85
C SER B 147 24.93 2.75 19.74
N LEU B 148 24.72 3.24 18.52
CA LEU B 148 24.04 4.53 18.41
C LEU B 148 22.60 4.55 18.96
N ASN B 149 21.95 3.38 19.11
CA ASN B 149 20.61 3.36 19.70
C ASN B 149 20.60 3.04 21.16
N GLU B 150 21.75 2.83 21.74
CA GLU B 150 21.80 2.41 23.13
C GLU B 150 21.58 3.68 24.00
N GLY B 151 20.90 3.49 25.11
CA GLY B 151 20.54 4.60 25.98
C GLY B 151 19.51 5.56 25.38
N MET B 152 18.58 5.09 24.53
CA MET B 152 17.56 6.01 23.96
C MET B 152 16.19 5.34 24.00
N PRO B 153 15.58 5.28 25.16
CA PRO B 153 14.41 4.41 25.29
C PRO B 153 13.24 4.96 24.49
N SER B 154 12.37 4.10 23.95
CA SER B 154 11.09 4.54 23.44
C SER B 154 10.28 5.29 24.48
N GLU B 155 9.43 6.17 23.97
CA GLU B 155 8.51 6.94 24.85
C GLU B 155 7.11 6.51 24.63
N SER B 156 6.88 5.56 23.72
CA SER B 156 5.58 4.85 23.79
C SER B 156 5.64 3.44 23.25
N ASP B 157 4.70 2.62 23.68
CA ASP B 157 4.43 1.33 23.04
C ASP B 157 4.10 1.53 21.57
N CYS B 158 4.68 0.72 20.68
CA CYS B 158 4.22 0.69 19.27
C CYS B 158 2.77 0.24 19.17
N VAL B 159 2.13 0.51 18.04
CA VAL B 159 0.69 0.21 17.93
C VAL B 159 0.33 -1.24 18.21
N VAL B 160 1.08 -2.24 17.67
CA VAL B 160 0.65 -3.62 17.92
C VAL B 160 0.77 -4.00 19.35
N VAL B 161 1.74 -3.41 20.05
CA VAL B 161 1.88 -3.63 21.49
C VAL B 161 0.68 -3.04 22.28
N GLN B 162 0.26 -1.86 21.90
CA GLN B 162 -0.99 -1.33 22.48
C GLN B 162 -2.14 -2.26 22.20
N VAL B 163 -2.22 -2.80 20.98
CA VAL B 163 -3.33 -3.71 20.74
C VAL B 163 -3.22 -4.99 21.56
N LEU B 164 -2.01 -5.58 21.61
CA LEU B 164 -1.83 -6.75 22.42
C LEU B 164 -2.33 -6.43 23.82
N LYS B 165 -1.95 -5.28 24.39
CA LYS B 165 -2.38 -5.00 25.76
C LYS B 165 -3.92 -4.82 25.92
N LEU B 166 -4.55 -4.09 24.98
CA LEU B 166 -6.00 -3.98 24.97
C LEU B 166 -6.65 -5.34 24.79
N GLN B 167 -5.95 -6.34 24.20
CA GLN B 167 -6.55 -7.68 24.12
C GLN B 167 -6.26 -8.56 25.35
N GLY B 168 -5.62 -7.92 26.36
CA GLY B 168 -5.33 -8.56 27.68
C GLY B 168 -4.01 -9.38 27.69
N ALA B 169 -3.19 -9.23 26.65
CA ALA B 169 -1.92 -9.98 26.60
C ALA B 169 -0.97 -9.29 27.56
N VAL B 170 0.08 -9.99 28.00
CA VAL B 170 1.18 -9.36 28.78
C VAL B 170 2.57 -9.49 28.18
N PRO B 171 3.00 -8.51 27.40
CA PRO B 171 4.30 -8.50 26.80
C PRO B 171 5.30 -8.46 27.94
N PHE B 172 6.31 -9.31 27.92
CA PHE B 172 7.12 -9.48 29.11
C PHE B 172 8.61 -9.44 28.87
N VAL B 173 9.08 -9.70 27.65
CA VAL B 173 10.52 -9.57 27.35
C VAL B 173 10.74 -9.08 25.96
N HIS B 174 11.89 -8.44 25.76
CA HIS B 174 12.42 -8.15 24.46
C HIS B 174 13.43 -9.23 24.12
N THR B 175 13.39 -9.73 22.87
CA THR B 175 14.29 -10.81 22.44
C THR B 175 15.30 -10.34 21.44
N ASN B 176 16.47 -10.97 21.48
CA ASN B 176 17.62 -10.55 20.72
C ASN B 176 17.48 -10.60 19.19
N VAL B 177 18.29 -9.81 18.44
CA VAL B 177 18.25 -9.76 17.01
C VAL B 177 19.69 -9.60 16.57
N PRO B 178 19.99 -9.97 15.32
CA PRO B 178 21.38 -9.72 14.96
C PRO B 178 21.57 -8.24 14.69
N GLN B 179 22.82 -7.78 14.81
CA GLN B 179 23.14 -6.37 14.64
C GLN B 179 22.51 -5.77 13.36
N SER B 180 21.66 -4.73 13.57
CA SER B 180 20.90 -3.87 12.57
C SER B 180 19.77 -4.66 11.90
N MET B 181 19.62 -5.91 12.31
CA MET B 181 18.62 -6.83 11.73
C MET B 181 18.77 -7.21 10.24
N LEU B 182 19.80 -6.78 9.57
CA LEU B 182 19.87 -7.13 8.19
C LEU B 182 20.67 -8.44 8.11
N SER B 183 20.03 -9.53 8.52
CA SER B 183 20.77 -10.74 8.64
C SER B 183 19.80 -11.85 8.95
N PHE B 184 20.18 -13.11 8.69
CA PHE B 184 19.35 -14.18 9.25
C PHE B 184 20.11 -15.05 10.27
N ASP B 185 21.12 -14.46 10.91
CA ASP B 185 21.73 -15.03 12.11
C ASP B 185 21.20 -14.20 13.28
N CYS B 186 21.93 -14.23 14.40
CA CYS B 186 21.40 -13.61 15.57
C CYS B 186 22.48 -13.22 16.61
N SER B 187 23.40 -12.40 16.19
CA SER B 187 24.41 -11.87 17.11
C SER B 187 24.60 -10.36 16.91
N ASN B 188 24.91 -9.68 18.01
CA ASN B 188 25.33 -8.27 17.94
C ASN B 188 26.37 -7.98 19.02
N PRO B 189 27.05 -6.86 18.90
CA PRO B 189 28.17 -6.57 19.82
C PRO B 189 27.69 -6.10 21.18
N LEU B 190 26.37 -5.91 21.38
CA LEU B 190 25.86 -5.47 22.68
C LEU B 190 25.43 -6.62 23.57
N PHE B 191 24.52 -7.44 23.06
CA PHE B 191 24.00 -8.57 23.82
C PHE B 191 24.64 -9.92 23.47
N GLY B 192 25.51 -9.94 22.48
CA GLY B 192 26.12 -11.17 22.03
C GLY B 192 25.18 -12.02 21.16
N GLN B 193 25.49 -13.34 21.16
CA GLN B 193 25.03 -14.29 20.16
C GLN B 193 23.85 -15.09 20.72
N THR B 194 22.78 -15.22 19.99
CA THR B 194 21.75 -16.13 20.49
C THR B 194 22.03 -17.52 19.88
N MET B 195 21.69 -18.57 20.59
CA MET B 195 21.96 -19.96 20.09
C MET B 195 20.70 -20.76 19.85
N ASN B 196 20.76 -21.66 18.87
CA ASN B 196 19.62 -22.57 18.60
C ASN B 196 19.42 -23.43 19.81
N PRO B 197 18.19 -23.53 20.35
CA PRO B 197 18.11 -24.35 21.55
C PRO B 197 18.20 -25.86 21.18
N TRP B 198 18.19 -26.18 19.89
CA TRP B 198 18.24 -27.60 19.55
C TRP B 198 19.71 -28.07 19.58
N LYS B 199 20.64 -27.15 19.36
CA LYS B 199 22.01 -27.51 19.19
C LYS B 199 22.88 -26.27 19.25
N SER B 200 23.70 -26.17 20.25
CA SER B 200 24.32 -24.83 20.47
C SER B 200 25.38 -24.38 19.45
N SER B 201 25.80 -25.28 18.56
CA SER B 201 26.67 -24.87 17.46
C SER B 201 25.86 -24.21 16.25
N LYS B 202 24.54 -24.27 16.31
CA LYS B 202 23.68 -23.81 15.20
C LYS B 202 23.09 -22.43 15.46
N SER B 203 22.80 -21.70 14.39
CA SER B 203 22.15 -20.40 14.49
C SER B 203 20.72 -20.64 14.81
N PRO B 204 20.09 -19.75 15.60
CA PRO B 204 18.62 -20.02 15.74
C PRO B 204 17.87 -19.36 14.56
N GLY B 205 18.57 -18.91 13.53
CA GLY B 205 17.95 -18.07 12.47
C GLY B 205 17.78 -16.61 12.96
N GLY B 206 17.32 -15.74 12.08
CA GLY B 206 17.03 -14.37 12.45
C GLY B 206 16.38 -13.70 11.27
N SER B 207 16.18 -12.39 11.32
CA SER B 207 16.56 -11.55 12.47
C SER B 207 15.68 -11.75 13.70
N SER B 208 14.51 -12.39 13.60
CA SER B 208 13.75 -12.68 14.83
C SER B 208 14.27 -13.90 15.59
N GLY B 209 15.59 -14.00 15.80
CA GLY B 209 16.22 -15.20 16.37
C GLY B 209 15.93 -15.42 17.85
N GLY B 210 15.90 -14.33 18.61
CA GLY B 210 15.59 -14.43 19.98
C GLY B 210 14.20 -15.00 20.19
N GLU B 211 13.20 -14.50 19.48
CA GLU B 211 11.86 -15.13 19.53
C GLU B 211 11.89 -16.63 19.16
N GLY B 212 12.60 -16.99 18.12
CA GLY B 212 12.65 -18.42 17.72
C GLY B 212 13.24 -19.28 18.82
N ALA B 213 14.33 -18.78 19.38
CA ALA B 213 15.05 -19.56 20.42
C ALA B 213 14.18 -19.72 21.62
N LEU B 214 13.51 -18.62 22.00
CA LEU B 214 12.73 -18.58 23.23
C LEU B 214 11.45 -19.40 23.03
N ILE B 215 10.74 -19.15 21.94
CA ILE B 215 9.49 -19.86 21.71
C ILE B 215 9.82 -21.36 21.47
N GLY B 216 10.90 -21.64 20.74
CA GLY B 216 11.21 -23.04 20.43
C GLY B 216 11.69 -23.83 21.62
N SER B 217 12.02 -23.17 22.73
CA SER B 217 12.31 -23.95 23.91
C SER B 217 11.26 -23.91 24.97
N GLY B 218 10.09 -23.33 24.67
CA GLY B 218 9.03 -23.48 25.61
C GLY B 218 8.97 -22.28 26.52
N GLY B 219 9.78 -21.25 26.28
CA GLY B 219 9.79 -20.10 27.24
C GLY B 219 8.80 -18.94 27.04
N SER B 220 7.98 -19.05 25.98
CA SER B 220 7.00 -18.07 25.61
C SER B 220 6.01 -18.78 24.71
N PRO B 221 4.72 -18.59 24.97
CA PRO B 221 3.77 -19.28 24.11
C PRO B 221 3.48 -18.48 22.79
N LEU B 222 4.00 -17.26 22.67
CA LEU B 222 3.55 -16.37 21.56
C LEU B 222 4.46 -15.14 21.50
N GLY B 223 4.97 -14.84 20.31
CA GLY B 223 5.82 -13.67 20.18
C GLY B 223 5.49 -12.97 18.86
N LEU B 224 6.08 -11.78 18.63
CA LEU B 224 5.94 -11.05 17.39
C LEU B 224 7.33 -10.84 16.84
N GLY B 225 7.45 -11.00 15.52
CA GLY B 225 8.71 -10.77 14.81
C GLY B 225 8.40 -9.92 13.64
N THR B 226 9.43 -9.65 12.83
CA THR B 226 9.27 -8.93 11.58
C THR B 226 10.05 -9.65 10.50
N ASP B 227 9.78 -9.26 9.25
CA ASP B 227 10.28 -10.09 8.14
C ASP B 227 10.31 -9.25 6.95
N ILE B 228 11.54 -8.96 6.48
CA ILE B 228 11.69 -8.27 5.24
C ILE B 228 12.36 -9.16 4.10
N GLY B 229 12.96 -10.29 4.45
CA GLY B 229 13.61 -11.20 3.47
C GLY B 229 13.58 -12.62 4.03
N GLY B 230 12.81 -12.86 5.08
CA GLY B 230 12.73 -14.20 5.68
C GLY B 230 12.74 -14.25 7.22
N SER B 231 12.81 -13.07 7.84
CA SER B 231 13.13 -12.96 9.31
C SER B 231 12.12 -13.38 10.33
N ILE B 232 10.90 -13.70 9.93
CA ILE B 232 10.00 -14.47 10.80
C ILE B 232 10.23 -15.94 10.45
N ARG B 233 10.45 -16.21 9.18
CA ARG B 233 10.37 -17.59 8.69
C ARG B 233 11.68 -18.41 8.95
N PHE B 234 12.85 -17.82 8.79
CA PHE B 234 14.10 -18.52 9.18
C PHE B 234 14.13 -18.98 10.62
N PRO B 235 13.92 -18.05 11.58
CA PRO B 235 14.03 -18.56 12.94
C PRO B 235 12.91 -19.51 13.29
N SER B 236 11.73 -19.38 12.66
CA SER B 236 10.63 -20.29 13.00
C SER B 236 11.02 -21.71 12.54
N ALA B 237 11.57 -21.79 11.33
CA ALA B 237 11.99 -23.06 10.75
C ALA B 237 13.23 -23.59 11.50
N PHE B 238 14.31 -22.77 11.68
CA PHE B 238 15.53 -23.28 12.36
C PHE B 238 15.22 -23.89 13.78
N CYS B 239 14.22 -23.34 14.46
CA CYS B 239 13.93 -23.67 15.87
C CYS B 239 12.71 -24.51 16.00
N GLY B 240 12.04 -24.84 14.91
CA GLY B 240 10.96 -25.86 15.06
C GLY B 240 9.65 -25.26 15.55
N ILE B 241 9.33 -24.02 15.15
CA ILE B 241 7.99 -23.49 15.57
C ILE B 241 7.26 -22.97 14.33
N CYS B 242 6.00 -22.55 14.49
CA CYS B 242 5.25 -21.91 13.39
C CYS B 242 5.43 -20.41 13.26
N GLY B 243 5.30 -19.87 12.07
CA GLY B 243 5.42 -18.44 11.96
C GLY B 243 4.71 -17.96 10.73
N LEU B 244 4.14 -16.74 10.76
CA LEU B 244 3.49 -16.18 9.60
C LEU B 244 3.94 -14.79 9.31
N LYS B 245 4.25 -14.50 8.04
CA LYS B 245 4.60 -13.18 7.61
C LYS B 245 3.41 -12.71 6.77
N PRO B 246 2.63 -11.73 7.28
CA PRO B 246 1.47 -11.33 6.46
C PRO B 246 1.86 -10.47 5.28
N THR B 247 0.87 -10.10 4.47
CA THR B 247 0.99 -8.99 3.57
C THR B 247 1.50 -7.78 4.37
N GLY B 248 2.38 -7.00 3.74
CA GLY B 248 3.11 -5.99 4.50
C GLY B 248 2.20 -5.02 5.25
N ASN B 249 1.05 -4.66 4.68
CA ASN B 249 0.23 -3.61 5.28
C ASN B 249 -1.02 -4.20 5.89
N ARG B 250 -0.99 -5.50 6.20
CA ARG B 250 -2.08 -6.09 6.98
C ARG B 250 -2.08 -5.66 8.48
N LEU B 251 -0.91 -5.35 9.00
CA LEU B 251 -0.83 -5.04 10.42
C LEU B 251 -0.06 -3.74 10.52
N SER B 252 -0.33 -2.96 11.57
CA SER B 252 0.39 -1.67 11.68
C SER B 252 1.92 -1.74 11.90
N LYS B 253 2.68 -0.96 11.16
CA LYS B 253 4.10 -0.86 11.43
C LYS B 253 4.42 0.37 12.28
N SER B 254 3.38 1.02 12.78
CA SER B 254 3.65 2.26 13.44
C SER B 254 4.42 2.02 14.77
N GLY B 255 5.58 2.66 14.94
CA GLY B 255 6.38 2.54 16.17
C GLY B 255 7.40 1.41 16.10
N LEU B 256 7.55 0.76 14.96
CA LEU B 256 8.64 -0.21 14.83
C LEU B 256 9.95 0.47 14.59
N LYS B 257 11.01 0.04 15.30
CA LYS B 257 12.32 0.58 15.05
C LYS B 257 12.97 -0.15 13.90
N GLY B 258 13.64 0.57 13.01
CA GLY B 258 14.42 -0.05 12.00
C GLY B 258 15.68 0.77 11.73
N CYS B 259 16.46 0.34 10.77
CA CYS B 259 17.69 0.99 10.39
C CYS B 259 17.52 1.99 9.32
N VAL B 260 16.59 1.69 8.42
CA VAL B 260 16.33 2.51 7.27
C VAL B 260 14.83 2.70 7.15
N TYR B 261 14.42 3.91 6.82
CA TYR B 261 13.02 4.23 6.71
C TYR B 261 12.82 4.76 5.33
N GLY B 262 11.59 4.57 4.85
CA GLY B 262 11.13 5.03 3.59
C GLY B 262 11.38 4.05 2.44
N GLN B 263 11.94 2.89 2.71
CA GLN B 263 12.25 1.92 1.59
C GLN B 263 10.98 1.13 1.37
N THR B 264 10.34 1.29 0.23
CA THR B 264 9.02 0.67 0.15
C THR B 264 8.93 -0.34 -0.97
N ALA B 265 10.01 -0.49 -1.71
CA ALA B 265 10.01 -1.44 -2.87
C ALA B 265 9.84 -2.92 -2.41
N VAL B 266 10.56 -3.31 -1.34
CA VAL B 266 10.52 -4.68 -0.87
C VAL B 266 9.94 -4.55 0.49
N GLN B 267 8.85 -5.26 0.69
CA GLN B 267 7.96 -4.94 1.76
C GLN B 267 8.19 -5.66 3.08
N LEU B 268 8.35 -4.85 4.12
CA LEU B 268 8.55 -5.31 5.48
C LEU B 268 7.21 -5.75 6.06
N SER B 269 7.20 -6.85 6.76
CA SER B 269 5.97 -7.19 7.39
C SER B 269 6.19 -7.65 8.84
N LEU B 270 5.17 -7.63 9.69
CA LEU B 270 5.30 -8.17 11.01
C LEU B 270 4.26 -9.24 11.26
N GLY B 271 4.48 -10.12 12.23
CA GLY B 271 3.55 -11.19 12.40
C GLY B 271 3.95 -12.11 13.53
N PRO B 272 3.05 -13.04 13.90
CA PRO B 272 3.18 -13.92 15.03
C PRO B 272 4.13 -15.16 14.82
N MET B 273 4.67 -15.66 15.93
CA MET B 273 5.50 -16.85 16.00
C MET B 273 4.93 -17.55 17.21
N ALA B 274 4.75 -18.87 17.09
CA ALA B 274 4.10 -19.59 18.16
C ALA B 274 4.42 -21.04 18.01
N ARG B 275 3.89 -21.84 18.91
CA ARG B 275 4.24 -23.26 18.83
C ARG B 275 3.32 -24.00 17.83
N ASP B 276 2.13 -23.47 17.51
CA ASP B 276 1.28 -24.22 16.55
C ASP B 276 0.59 -23.20 15.66
N VAL B 277 -0.08 -23.72 14.63
CA VAL B 277 -0.76 -22.81 13.70
C VAL B 277 -1.97 -22.07 14.37
N GLU B 278 -2.77 -22.77 15.16
CA GLU B 278 -3.95 -22.21 15.81
C GLU B 278 -3.56 -20.99 16.67
N SER B 279 -2.30 -20.97 17.21
CA SER B 279 -1.80 -19.78 17.94
C SER B 279 -1.60 -18.54 17.03
N LEU B 280 -1.06 -18.74 15.83
CA LEU B 280 -0.92 -17.68 14.86
C LEU B 280 -2.26 -17.14 14.53
N ALA B 281 -3.23 -18.03 14.33
CA ALA B 281 -4.56 -17.57 13.92
C ALA B 281 -5.18 -16.78 15.06
N LEU B 282 -4.95 -17.20 16.27
CA LEU B 282 -5.60 -16.56 17.38
C LEU B 282 -4.98 -15.16 17.55
N CYS B 283 -3.69 -15.06 17.30
CA CYS B 283 -3.02 -13.78 17.52
C CYS B 283 -3.43 -12.75 16.44
N LEU B 284 -3.55 -13.21 15.20
CA LEU B 284 -3.97 -12.34 14.11
C LEU B 284 -5.42 -11.85 14.35
N LYS B 285 -6.28 -12.77 14.76
CA LYS B 285 -7.63 -12.50 15.14
C LYS B 285 -7.67 -11.48 16.25
N ALA B 286 -6.78 -11.60 17.26
CA ALA B 286 -6.74 -10.55 18.30
C ALA B 286 -6.23 -9.20 17.77
N LEU B 287 -5.28 -9.20 16.87
CA LEU B 287 -4.73 -7.94 16.44
C LEU B 287 -5.65 -7.23 15.44
N LEU B 288 -6.43 -7.99 14.66
CA LEU B 288 -7.21 -7.42 13.56
C LEU B 288 -8.55 -6.97 14.13
N CYS B 289 -8.54 -6.05 15.10
CA CYS B 289 -9.78 -5.63 15.74
C CYS B 289 -9.89 -4.12 15.59
N GLU B 290 -11.06 -3.57 15.94
CA GLU B 290 -11.29 -2.13 15.90
C GLU B 290 -10.18 -1.26 16.52
N HIS B 291 -9.65 -1.65 17.65
CA HIS B 291 -8.57 -0.88 18.25
C HIS B 291 -7.41 -0.67 17.29
N LEU B 292 -6.98 -1.72 16.55
CA LEU B 292 -5.87 -1.54 15.65
C LEU B 292 -6.20 -0.51 14.60
N PHE B 293 -7.37 -0.67 14.00
CA PHE B 293 -7.80 0.12 12.80
C PHE B 293 -8.08 1.57 13.17
N THR B 294 -8.48 1.80 14.40
CA THR B 294 -8.61 3.17 14.83
C THR B 294 -7.25 3.67 15.31
N LEU B 295 -6.42 2.87 15.98
CA LEU B 295 -5.05 3.43 16.31
C LEU B 295 -4.22 3.73 15.09
N ASP B 296 -4.41 3.00 13.96
CA ASP B 296 -3.59 3.28 12.75
C ASP B 296 -4.47 3.16 11.56
N PRO B 297 -5.18 4.25 11.23
CA PRO B 297 -6.14 4.24 10.08
C PRO B 297 -5.46 3.97 8.76
N THR B 298 -4.14 4.01 8.68
CA THR B 298 -3.54 3.74 7.38
C THR B 298 -3.60 2.19 6.98
N VAL B 299 -3.98 1.33 7.93
CA VAL B 299 -4.09 -0.11 7.78
C VAL B 299 -5.51 -0.43 7.32
N PRO B 300 -5.68 -1.16 6.19
CA PRO B 300 -7.04 -1.36 5.71
C PRO B 300 -7.76 -2.15 6.76
N PRO B 301 -9.00 -1.78 7.09
CA PRO B 301 -9.69 -2.42 8.19
C PRO B 301 -10.34 -3.75 7.80
N LEU B 302 -9.48 -4.73 7.52
CA LEU B 302 -9.91 -6.05 7.16
C LEU B 302 -9.98 -6.97 8.39
N PRO B 303 -11.20 -7.31 8.84
CA PRO B 303 -11.22 -8.15 10.05
C PRO B 303 -10.73 -9.56 9.74
N PHE B 304 -10.47 -10.38 10.78
CA PHE B 304 -9.96 -11.71 10.56
C PHE B 304 -11.10 -12.54 9.99
N ARG B 305 -10.93 -13.16 8.83
CA ARG B 305 -12.06 -13.88 8.18
C ARG B 305 -12.04 -15.32 8.61
N GLU B 306 -12.60 -15.53 9.77
CA GLU B 306 -12.61 -16.82 10.39
C GLU B 306 -13.19 -17.95 9.59
N GLU B 307 -14.24 -17.68 8.81
CA GLU B 307 -14.81 -18.75 8.01
C GLU B 307 -13.84 -19.28 6.93
N VAL B 308 -12.90 -18.42 6.46
CA VAL B 308 -11.91 -18.87 5.49
C VAL B 308 -10.88 -19.75 6.23
N TYR B 309 -10.49 -19.31 7.41
CA TYR B 309 -9.46 -20.00 8.19
C TYR B 309 -9.95 -21.42 8.54
N ARG B 310 -11.17 -21.50 9.03
CA ARG B 310 -11.77 -22.77 9.41
C ARG B 310 -12.35 -23.61 8.25
N SER B 311 -12.23 -23.16 7.01
CA SER B 311 -12.80 -23.88 5.89
C SER B 311 -12.17 -25.27 5.74
N SER B 312 -12.93 -26.22 5.24
CA SER B 312 -12.48 -27.60 5.08
C SER B 312 -12.42 -28.07 3.61
N ARG B 313 -12.67 -27.18 2.66
CA ARG B 313 -12.76 -27.53 1.25
C ARG B 313 -11.41 -28.00 0.74
N PRO B 314 -11.39 -28.93 -0.23
CA PRO B 314 -10.11 -29.31 -0.80
C PRO B 314 -9.48 -28.14 -1.58
N LEU B 315 -8.15 -28.13 -1.75
CA LEU B 315 -7.46 -26.97 -2.28
C LEU B 315 -6.79 -27.30 -3.55
N ARG B 316 -6.64 -26.32 -4.43
CA ARG B 316 -5.63 -26.44 -5.49
C ARG B 316 -4.30 -25.82 -5.02
N VAL B 317 -3.29 -26.69 -4.88
CA VAL B 317 -2.04 -26.41 -4.20
C VAL B 317 -0.97 -26.47 -5.26
N GLY B 318 -0.45 -25.29 -5.64
CA GLY B 318 0.75 -25.22 -6.47
C GLY B 318 1.93 -25.66 -5.60
N TYR B 319 2.99 -26.18 -6.20
CA TYR B 319 4.13 -26.63 -5.41
C TYR B 319 5.35 -26.64 -6.28
N TYR B 320 6.47 -26.47 -5.59
CA TYR B 320 7.77 -26.76 -6.17
C TYR B 320 8.69 -27.33 -5.12
N GLU B 321 9.66 -28.09 -5.59
CA GLU B 321 10.53 -28.88 -4.75
C GLU B 321 11.89 -28.18 -4.67
N THR B 322 12.14 -27.27 -5.63
CA THR B 322 13.34 -26.46 -5.65
C THR B 322 13.01 -25.18 -6.46
N ASP B 323 13.67 -24.08 -6.13
CA ASP B 323 13.51 -22.89 -6.92
C ASP B 323 14.57 -22.81 -7.95
N ASN B 324 15.43 -23.81 -8.06
CA ASN B 324 16.51 -23.75 -9.06
C ASN B 324 17.53 -22.67 -8.82
N TYR B 325 17.54 -22.18 -7.58
CA TYR B 325 18.46 -21.13 -7.25
C TYR B 325 19.25 -21.57 -6.03
N THR B 326 18.55 -21.95 -4.98
CA THR B 326 19.18 -22.57 -3.88
C THR B 326 18.84 -24.06 -3.92
N MET B 327 19.85 -24.90 -4.11
CA MET B 327 19.62 -26.35 -4.05
C MET B 327 19.12 -26.62 -2.66
N PRO B 328 17.99 -27.29 -2.57
CA PRO B 328 17.49 -27.65 -1.27
C PRO B 328 18.31 -28.76 -0.62
N SER B 329 18.34 -28.77 0.70
CA SER B 329 19.03 -29.83 1.34
C SER B 329 18.24 -31.12 1.11
N PRO B 330 18.88 -32.31 1.24
CA PRO B 330 18.03 -33.55 1.20
C PRO B 330 16.86 -33.51 2.19
N ALA B 331 17.08 -32.93 3.38
CA ALA B 331 15.97 -32.93 4.33
C ALA B 331 14.83 -31.95 3.91
N MET B 332 15.20 -30.88 3.18
CA MET B 332 14.18 -29.86 2.77
C MET B 332 13.28 -30.54 1.72
N ARG B 333 13.96 -31.17 0.77
CA ARG B 333 13.35 -31.83 -0.39
C ARG B 333 12.43 -32.96 0.04
N ARG B 334 12.86 -33.75 1.02
CA ARG B 334 12.02 -34.80 1.58
C ARG B 334 10.78 -34.26 2.29
N ALA B 335 11.00 -33.29 3.18
CA ALA B 335 9.91 -32.58 3.88
C ALA B 335 8.83 -32.10 2.87
N LEU B 336 9.25 -31.50 1.79
CA LEU B 336 8.36 -30.98 0.80
C LEU B 336 7.57 -32.10 0.07
N ILE B 337 8.26 -33.19 -0.31
CA ILE B 337 7.69 -34.27 -1.13
C ILE B 337 6.77 -35.06 -0.24
N GLU B 338 7.15 -35.24 1.01
CA GLU B 338 6.23 -35.93 1.91
C GLU B 338 4.95 -35.17 2.15
N THR B 339 5.09 -33.84 2.26
CA THR B 339 3.92 -33.03 2.60
C THR B 339 2.98 -33.06 1.39
N LYS B 340 3.54 -32.86 0.22
CA LYS B 340 2.83 -33.02 -1.05
C LYS B 340 2.04 -34.33 -1.11
N GLN B 341 2.70 -35.41 -0.72
CA GLN B 341 2.05 -36.71 -0.83
C GLN B 341 0.93 -36.84 0.15
N ARG B 342 1.17 -36.38 1.36
CA ARG B 342 0.07 -36.40 2.31
C ARG B 342 -1.06 -35.49 1.89
N LEU B 343 -0.73 -34.38 1.26
CA LEU B 343 -1.80 -33.49 0.82
C LEU B 343 -2.61 -34.19 -0.31
N GLU B 344 -1.94 -34.96 -1.18
CA GLU B 344 -2.64 -35.71 -2.23
C GLU B 344 -3.63 -36.71 -1.70
N ALA B 345 -3.18 -37.44 -0.70
CA ALA B 345 -3.94 -38.48 -0.08
C ALA B 345 -5.13 -37.90 0.66
N ALA B 346 -4.98 -36.67 1.21
CA ALA B 346 -6.12 -36.05 1.83
C ALA B 346 -7.06 -35.44 0.77
N GLY B 347 -6.73 -35.52 -0.51
CA GLY B 347 -7.72 -35.10 -1.50
C GLY B 347 -7.46 -33.74 -2.14
N HIS B 348 -6.35 -33.09 -1.79
CA HIS B 348 -6.07 -31.78 -2.36
C HIS B 348 -5.54 -32.06 -3.73
N THR B 349 -5.69 -31.11 -4.66
CA THR B 349 -5.07 -31.24 -5.97
C THR B 349 -3.69 -30.51 -5.99
N LEU B 350 -2.63 -31.22 -6.37
CA LEU B 350 -1.27 -30.70 -6.29
C LEU B 350 -0.78 -30.42 -7.69
N ILE B 351 -0.40 -29.17 -7.95
CA ILE B 351 -0.04 -28.73 -9.33
C ILE B 351 1.34 -28.10 -9.34
N PRO B 352 2.25 -28.54 -10.21
CA PRO B 352 3.60 -27.96 -10.21
C PRO B 352 3.55 -26.53 -10.65
N PHE B 353 4.34 -25.71 -10.01
CA PHE B 353 4.22 -24.28 -10.25
C PHE B 353 5.48 -23.64 -9.79
N LEU B 354 6.04 -22.79 -10.63
CA LEU B 354 7.12 -22.04 -10.18
C LEU B 354 6.99 -20.61 -10.63
N PRO B 355 7.08 -19.64 -9.69
CA PRO B 355 7.12 -18.25 -10.09
C PRO B 355 8.16 -18.03 -11.21
N ASN B 356 7.82 -17.22 -12.20
CA ASN B 356 8.70 -16.97 -13.34
C ASN B 356 9.84 -16.07 -12.89
N ASN B 357 10.95 -16.15 -13.64
CA ASN B 357 12.09 -15.30 -13.49
C ASN B 357 12.55 -15.07 -12.05
N ILE B 358 12.63 -16.13 -11.28
CA ILE B 358 13.26 -16.05 -9.98
C ILE B 358 14.66 -15.35 -9.94
N PRO B 359 15.61 -15.75 -10.81
CA PRO B 359 16.92 -15.07 -10.62
C PRO B 359 16.84 -13.51 -10.76
N TYR B 360 15.95 -13.03 -11.63
CA TYR B 360 15.74 -11.63 -11.81
C TYR B 360 15.08 -11.03 -10.61
N ALA B 361 14.07 -11.71 -10.08
CA ALA B 361 13.39 -11.24 -8.88
C ALA B 361 14.31 -11.07 -7.68
N LEU B 362 15.33 -11.94 -7.58
CA LEU B 362 16.21 -11.89 -6.41
C LEU B 362 17.33 -10.96 -6.69
N GLU B 363 17.95 -11.05 -7.87
CA GLU B 363 19.24 -10.41 -8.03
C GLU B 363 19.04 -8.95 -8.41
N VAL B 364 17.96 -8.66 -9.15
CA VAL B 364 17.65 -7.35 -9.59
C VAL B 364 16.65 -6.64 -8.67
N LEU B 365 15.46 -7.21 -8.48
CA LEU B 365 14.39 -6.54 -7.78
C LEU B 365 14.59 -6.52 -6.28
N SER B 366 14.78 -7.70 -5.68
CA SER B 366 14.96 -7.80 -4.22
C SER B 366 16.26 -7.16 -3.74
N ALA B 367 17.37 -7.61 -4.28
CA ALA B 367 18.64 -6.96 -3.90
C ALA B 367 18.57 -5.46 -4.20
N GLY B 368 18.05 -5.08 -5.37
CA GLY B 368 17.95 -3.65 -5.81
C GLY B 368 17.04 -2.81 -4.91
N GLY B 369 15.87 -3.29 -4.56
CA GLY B 369 15.04 -2.61 -3.62
C GLY B 369 15.61 -2.48 -2.24
N LEU B 370 16.31 -3.49 -1.72
CA LEU B 370 16.82 -3.36 -0.37
C LEU B 370 17.98 -2.38 -0.24
N PHE B 371 18.75 -2.23 -1.31
CA PHE B 371 19.95 -1.44 -1.35
C PHE B 371 19.94 -0.38 -2.49
N SER B 372 18.77 0.21 -2.81
CA SER B 372 18.68 1.18 -3.94
C SER B 372 19.65 2.34 -3.76
N ASP B 373 19.98 2.67 -2.51
CA ASP B 373 20.90 3.78 -2.29
C ASP B 373 22.35 3.31 -2.04
N GLY B 374 22.71 2.10 -2.47
CA GLY B 374 24.04 1.53 -2.30
C GLY B 374 24.40 1.24 -0.85
N GLY B 375 23.43 1.29 -0.01
CA GLY B 375 23.62 1.00 1.40
C GLY B 375 24.02 2.22 2.20
N ARG B 376 23.98 3.43 1.62
CA ARG B 376 24.38 4.61 2.39
C ARG B 376 23.55 4.80 3.66
N SER B 377 22.22 4.85 3.58
CA SER B 377 21.43 5.01 4.79
C SER B 377 21.79 3.95 5.85
N PHE B 378 21.97 2.70 5.39
CA PHE B 378 22.11 1.58 6.30
C PHE B 378 23.50 1.77 6.97
N LEU B 379 24.51 2.11 6.17
CA LEU B 379 25.89 2.31 6.74
C LEU B 379 25.98 3.36 7.85
N GLN B 380 25.19 4.45 7.76
CA GLN B 380 25.14 5.48 8.81
C GLN B 380 24.98 4.87 10.18
N ASN B 381 24.21 3.78 10.28
CA ASN B 381 24.04 3.20 11.60
C ASN B 381 25.35 2.60 12.20
N PHE B 382 26.39 2.42 11.39
CA PHE B 382 27.53 1.64 11.83
C PHE B 382 28.69 2.53 12.20
N LYS B 383 28.48 3.85 12.21
CA LYS B 383 29.59 4.82 12.31
C LYS B 383 30.16 4.69 13.69
N GLY B 384 31.47 4.42 13.77
CA GLY B 384 32.06 4.21 15.08
C GLY B 384 31.70 2.86 15.76
N ASP B 385 31.02 1.93 15.10
CA ASP B 385 30.55 0.74 15.88
C ASP B 385 31.43 -0.44 15.49
N PHE B 386 31.45 -1.46 16.31
CA PHE B 386 31.94 -2.77 15.82
C PHE B 386 30.93 -3.31 14.81
N VAL B 387 31.45 -4.13 13.90
CA VAL B 387 30.66 -4.93 12.97
C VAL B 387 30.68 -6.37 13.45
N ASP B 388 29.55 -6.88 13.93
CA ASP B 388 29.45 -8.29 14.38
C ASP B 388 29.90 -9.23 13.27
N PRO B 389 30.75 -10.22 13.62
CA PRO B 389 31.19 -11.23 12.61
C PRO B 389 30.00 -11.98 11.93
N CYS B 390 28.85 -12.13 12.60
CA CYS B 390 27.71 -12.75 11.91
C CYS B 390 27.28 -12.01 10.62
N LEU B 391 27.73 -10.76 10.38
CA LEU B 391 27.36 -10.04 9.16
C LEU B 391 28.36 -10.29 8.07
N GLY B 392 29.48 -10.96 8.39
CA GLY B 392 30.39 -11.34 7.36
C GLY B 392 30.98 -10.11 6.71
N ASP B 393 31.02 -10.13 5.40
CA ASP B 393 31.58 -8.99 4.69
C ASP B 393 30.58 -7.96 4.11
N LEU B 394 29.33 -8.00 4.56
CA LEU B 394 28.28 -7.06 4.09
C LEU B 394 28.69 -5.58 4.17
N ILE B 395 29.16 -5.16 5.34
CA ILE B 395 29.51 -3.71 5.55
C ILE B 395 30.67 -3.29 4.69
N LEU B 396 31.66 -4.18 4.61
CA LEU B 396 32.83 -3.96 3.81
C LEU B 396 32.45 -3.77 2.38
N ILE B 397 31.69 -4.72 1.85
CA ILE B 397 31.24 -4.65 0.46
C ILE B 397 30.34 -3.39 0.20
N LEU B 398 29.43 -3.04 1.11
CA LEU B 398 28.55 -1.89 0.87
C LEU B 398 29.32 -0.60 0.79
N ARG B 399 30.39 -0.49 1.58
CA ARG B 399 31.28 0.68 1.62
C ARG B 399 32.07 0.90 0.36
N LEU B 400 32.20 -0.09 -0.51
CA LEU B 400 32.91 0.12 -1.74
C LEU B 400 32.23 1.20 -2.58
N PRO B 401 33.05 2.06 -3.24
CA PRO B 401 32.48 3.11 -4.12
C PRO B 401 31.80 2.50 -5.32
N SER B 402 30.74 3.17 -5.81
CA SER B 402 29.90 2.59 -6.87
C SER B 402 30.71 2.11 -8.08
N TRP B 403 31.73 2.89 -8.47
CA TRP B 403 32.53 2.51 -9.66
C TRP B 403 33.25 1.15 -9.38
N PHE B 404 33.76 0.96 -8.17
CA PHE B 404 34.46 -0.28 -7.86
C PHE B 404 33.51 -1.49 -7.76
N LYS B 405 32.30 -1.27 -7.25
CA LYS B 405 31.27 -2.34 -7.29
C LYS B 405 31.03 -2.72 -8.72
N ARG B 406 30.91 -1.71 -9.57
CA ARG B 406 30.66 -1.95 -10.97
C ARG B 406 31.78 -2.79 -11.62
N LEU B 407 33.01 -2.38 -11.37
CA LEU B 407 34.15 -3.03 -11.96
C LEU B 407 34.27 -4.48 -11.47
N LEU B 408 34.24 -4.66 -10.16
CA LEU B 408 34.22 -5.98 -9.51
C LEU B 408 33.07 -6.86 -10.04
N SER B 409 31.91 -6.25 -10.25
CA SER B 409 30.81 -7.00 -10.81
C SER B 409 31.09 -7.44 -12.25
N LEU B 410 31.73 -6.60 -13.05
CA LEU B 410 32.16 -7.01 -14.42
C LEU B 410 33.18 -8.17 -14.41
N LEU B 411 34.10 -8.14 -13.45
CA LEU B 411 35.19 -9.09 -13.34
C LEU B 411 34.70 -10.41 -12.84
N LEU B 412 33.77 -10.40 -11.88
CA LEU B 412 33.22 -11.63 -11.35
C LEU B 412 32.23 -12.27 -12.28
N LYS B 413 31.68 -11.54 -13.23
CA LYS B 413 30.59 -12.08 -14.00
C LYS B 413 30.88 -13.42 -14.75
N PRO B 414 32.08 -13.55 -15.39
CA PRO B 414 32.28 -14.88 -16.04
C PRO B 414 32.54 -15.99 -15.01
N LEU B 415 33.16 -15.68 -13.88
CA LEU B 415 33.43 -16.68 -12.86
C LEU B 415 32.13 -16.91 -12.08
N PHE B 416 31.78 -15.94 -11.21
CA PHE B 416 30.67 -16.08 -10.27
C PHE B 416 29.45 -15.14 -10.48
N PRO B 417 28.57 -15.54 -11.37
CA PRO B 417 27.53 -14.64 -11.82
C PRO B 417 26.51 -14.20 -10.76
N ARG B 418 26.20 -15.05 -9.76
CA ARG B 418 25.29 -14.71 -8.66
C ARG B 418 25.84 -13.53 -7.90
N LEU B 419 27.07 -13.69 -7.42
CA LEU B 419 27.83 -12.66 -6.74
C LEU B 419 27.91 -11.34 -7.57
N ALA B 420 28.23 -11.45 -8.86
CA ALA B 420 28.32 -10.31 -9.73
C ALA B 420 26.97 -9.57 -9.86
N ALA B 421 25.86 -10.30 -9.93
CA ALA B 421 24.59 -9.67 -10.13
C ALA B 421 24.19 -8.92 -8.85
N PHE B 422 24.37 -9.54 -7.69
CA PHE B 422 24.07 -8.94 -6.42
C PHE B 422 24.83 -7.62 -6.25
N LEU B 423 26.13 -7.66 -6.59
CA LEU B 423 27.06 -6.58 -6.36
C LEU B 423 26.66 -5.41 -7.20
N ASN B 424 26.31 -5.68 -8.44
CA ASN B 424 25.85 -4.60 -9.29
C ASN B 424 24.55 -3.97 -8.75
N SER B 425 23.66 -4.76 -8.15
CA SER B 425 22.40 -4.22 -7.66
C SER B 425 22.54 -3.51 -6.33
N MET B 426 23.72 -3.60 -5.73
CA MET B 426 23.98 -2.94 -4.45
C MET B 426 24.60 -1.55 -4.65
N ARG B 427 24.44 -1.01 -5.85
CA ARG B 427 25.00 0.28 -6.22
C ARG B 427 23.93 1.36 -6.00
N PRO B 428 24.34 2.55 -5.50
CA PRO B 428 23.40 3.65 -5.41
C PRO B 428 22.85 4.02 -6.79
N ARG B 429 21.65 4.57 -6.82
CA ARG B 429 21.09 5.05 -8.05
C ARG B 429 20.17 6.28 -7.81
N SER B 430 19.71 6.85 -8.92
CA SER B 430 18.88 8.06 -8.88
C SER B 430 17.44 7.63 -8.55
N ALA B 431 16.62 8.62 -8.22
CA ALA B 431 15.18 8.40 -7.96
C ALA B 431 14.48 7.97 -9.21
N GLU B 432 14.91 8.50 -10.33
CA GLU B 432 14.40 8.03 -11.63
C GLU B 432 14.57 6.51 -11.78
N LYS B 433 15.76 5.99 -11.51
CA LYS B 433 15.94 4.52 -11.51
C LYS B 433 15.21 3.79 -10.39
N LEU B 434 15.00 4.43 -9.24
CA LEU B 434 14.17 3.77 -8.22
C LEU B 434 12.71 3.56 -8.70
N TRP B 435 12.11 4.60 -9.30
CA TRP B 435 10.77 4.51 -9.86
C TRP B 435 10.71 3.37 -10.87
N LYS B 436 11.74 3.29 -11.69
CA LYS B 436 11.78 2.23 -12.67
C LYS B 436 11.79 0.84 -11.97
N LEU B 437 12.66 0.68 -10.95
CA LEU B 437 12.64 -0.51 -10.11
C LEU B 437 11.26 -0.81 -9.47
N GLN B 438 10.65 0.20 -8.84
CA GLN B 438 9.34 0.09 -8.21
CA GLN B 438 9.36 0.01 -8.22
C GLN B 438 8.31 -0.34 -9.27
N HIS B 439 8.42 0.20 -10.48
CA HIS B 439 7.44 -0.19 -11.48
C HIS B 439 7.63 -1.69 -11.91
N GLU B 440 8.87 -2.10 -12.10
CA GLU B 440 9.21 -3.54 -12.34
C GLU B 440 8.74 -4.47 -11.24
N ILE B 441 8.83 -4.01 -9.98
CA ILE B 441 8.35 -4.83 -8.87
C ILE B 441 6.85 -5.00 -8.98
N GLU B 442 6.22 -3.89 -9.36
CA GLU B 442 4.80 -3.88 -9.54
C GLU B 442 4.38 -4.82 -10.73
N MET B 443 5.08 -4.76 -11.86
CA MET B 443 4.77 -5.65 -12.99
CA MET B 443 4.76 -5.65 -12.99
C MET B 443 5.07 -7.12 -12.64
N TYR B 444 6.15 -7.33 -11.87
CA TYR B 444 6.55 -8.67 -11.54
C TYR B 444 5.48 -9.29 -10.67
N ARG B 445 4.98 -8.52 -9.69
CA ARG B 445 3.95 -9.05 -8.80
C ARG B 445 2.69 -9.51 -9.65
N GLN B 446 2.28 -8.64 -10.60
CA GLN B 446 1.16 -8.97 -11.52
C GLN B 446 1.49 -10.22 -12.42
N SER B 447 2.76 -10.36 -12.83
CA SER B 447 3.10 -11.48 -13.68
C SER B 447 2.93 -12.79 -12.89
N VAL B 448 3.29 -12.81 -11.61
CA VAL B 448 3.11 -14.02 -10.82
C VAL B 448 1.63 -14.28 -10.48
N ILE B 449 0.84 -13.23 -10.21
CA ILE B 449 -0.56 -13.42 -9.93
C ILE B 449 -1.20 -13.97 -11.19
N ALA B 450 -0.76 -13.52 -12.36
CA ALA B 450 -1.38 -14.00 -13.59
C ALA B 450 -1.07 -15.52 -13.78
N GLN B 451 0.15 -15.96 -13.44
CA GLN B 451 0.50 -17.40 -13.55
C GLN B 451 -0.38 -18.15 -12.62
N TRP B 452 -0.59 -17.57 -11.45
CA TRP B 452 -1.32 -18.25 -10.40
C TRP B 452 -2.78 -18.44 -10.81
N LYS B 453 -3.34 -17.36 -11.35
CA LYS B 453 -4.73 -17.40 -11.78
C LYS B 453 -4.82 -18.33 -13.03
N ALA B 454 -3.83 -18.38 -13.90
CA ALA B 454 -3.95 -19.24 -15.09
C ALA B 454 -4.02 -20.73 -14.64
N MET B 455 -3.44 -21.03 -13.48
CA MET B 455 -3.47 -22.40 -13.02
C MET B 455 -4.58 -22.56 -12.03
N ASN B 456 -5.37 -21.51 -11.83
CA ASN B 456 -6.39 -21.45 -10.78
C ASN B 456 -5.96 -22.01 -9.37
N LEU B 457 -4.75 -21.64 -8.87
CA LEU B 457 -4.36 -22.02 -7.48
C LEU B 457 -5.18 -21.40 -6.38
N ASP B 458 -5.30 -22.10 -5.28
CA ASP B 458 -5.68 -21.46 -4.00
C ASP B 458 -4.42 -21.07 -3.18
N VAL B 459 -3.43 -21.96 -3.14
CA VAL B 459 -2.26 -21.78 -2.27
C VAL B 459 -1.04 -22.33 -2.97
N LEU B 460 0.13 -22.13 -2.34
CA LEU B 460 1.39 -22.52 -2.92
C LEU B 460 2.27 -23.09 -1.81
N LEU B 461 2.78 -24.29 -2.08
CA LEU B 461 3.61 -25.05 -1.18
C LEU B 461 5.01 -24.96 -1.72
N THR B 462 6.00 -24.59 -0.87
CA THR B 462 7.40 -24.46 -1.30
C THR B 462 8.28 -25.02 -0.22
N PRO B 463 9.53 -25.31 -0.57
CA PRO B 463 10.47 -25.68 0.45
C PRO B 463 10.76 -24.43 1.31
N MET B 464 11.35 -24.67 2.45
CA MET B 464 11.73 -23.60 3.36
C MET B 464 13.17 -23.91 3.77
N LEU B 465 14.07 -22.96 3.74
CA LEU B 465 15.50 -23.26 4.02
C LEU B 465 15.68 -23.88 5.39
N GLY B 466 16.51 -24.92 5.45
CA GLY B 466 16.61 -25.77 6.63
C GLY B 466 17.46 -26.99 6.28
N PRO B 467 18.00 -27.67 7.30
CA PRO B 467 17.93 -27.37 8.72
C PRO B 467 18.80 -26.16 9.09
N ALA B 468 18.78 -25.80 10.37
CA ALA B 468 19.55 -24.63 10.83
C ALA B 468 21.02 -24.65 10.34
N LEU B 469 21.49 -23.51 9.86
CA LEU B 469 22.87 -23.36 9.44
C LEU B 469 23.77 -23.19 10.68
N ASP B 470 25.05 -23.60 10.60
CA ASP B 470 26.03 -23.31 11.70
C ASP B 470 26.11 -21.78 12.05
N LEU B 471 26.40 -21.45 13.29
CA LEU B 471 26.62 -20.04 13.69
C LEU B 471 27.57 -19.38 12.75
N ASN B 472 27.29 -18.12 12.40
CA ASN B 472 28.18 -17.31 11.60
C ASN B 472 28.23 -17.63 10.12
N THR B 473 27.38 -18.52 9.63
CA THR B 473 27.43 -18.77 8.20
C THR B 473 26.27 -18.12 7.47
N PRO B 474 25.14 -17.83 8.17
CA PRO B 474 24.12 -17.15 7.34
C PRO B 474 24.58 -15.93 6.58
N GLY B 475 25.43 -15.09 7.21
CA GLY B 475 25.93 -13.89 6.55
C GLY B 475 26.89 -14.16 5.46
N ARG B 476 27.30 -15.42 5.34
CA ARG B 476 28.21 -15.75 4.23
C ARG B 476 27.54 -16.64 3.16
N ALA B 477 26.25 -16.89 3.36
CA ALA B 477 25.43 -17.69 2.44
C ALA B 477 24.14 -16.97 1.88
N THR B 478 24.31 -15.79 1.31
CA THR B 478 23.17 -14.90 0.96
C THR B 478 22.17 -15.51 -0.06
N GLY B 479 22.63 -16.29 -1.03
CA GLY B 479 21.72 -16.82 -2.03
C GLY B 479 20.66 -17.64 -1.38
N ALA B 480 20.96 -18.17 -0.21
CA ALA B 480 20.01 -19.02 0.47
C ALA B 480 18.75 -18.29 0.96
N ILE B 481 18.73 -16.94 0.84
CA ILE B 481 17.46 -16.22 1.10
C ILE B 481 16.46 -16.37 -0.08
N SER B 482 16.82 -17.07 -1.18
CA SER B 482 15.92 -17.17 -2.33
C SER B 482 14.55 -17.71 -2.01
N TYR B 483 14.44 -18.66 -1.07
CA TYR B 483 13.12 -19.21 -0.79
C TYR B 483 12.17 -18.26 -0.10
N THR B 484 12.69 -17.36 0.71
CA THR B 484 11.81 -16.50 1.49
C THR B 484 11.66 -15.12 0.90
N VAL B 485 12.76 -14.52 0.43
CA VAL B 485 12.74 -13.12 0.07
C VAL B 485 11.83 -12.92 -1.15
N LEU B 486 11.63 -13.98 -1.92
CA LEU B 486 10.83 -13.84 -3.10
C LEU B 486 9.42 -13.35 -2.70
N TYR B 487 8.88 -13.89 -1.60
CA TYR B 487 7.53 -13.52 -1.14
C TYR B 487 7.50 -12.14 -0.40
N ASN B 488 8.65 -11.53 -0.10
CA ASN B 488 8.63 -10.17 0.42
C ASN B 488 8.58 -9.30 -0.81
N CYS B 489 9.36 -9.68 -1.82
CA CYS B 489 9.32 -8.97 -3.10
C CYS B 489 7.90 -8.92 -3.71
N LEU B 490 7.26 -10.09 -3.72
CA LEU B 490 5.94 -10.24 -4.31
C LEU B 490 4.90 -9.68 -3.33
N ASP B 491 5.34 -9.57 -2.09
CA ASP B 491 4.40 -9.14 -1.01
C ASP B 491 3.16 -10.06 -0.90
N PHE B 492 3.40 -11.38 -0.72
CA PHE B 492 2.35 -12.39 -0.51
C PHE B 492 2.53 -12.84 0.93
N PRO B 493 1.43 -13.11 1.64
CA PRO B 493 1.57 -13.77 2.94
C PRO B 493 2.24 -15.15 2.78
N ALA B 494 3.17 -15.47 3.71
CA ALA B 494 3.90 -16.72 3.67
C ALA B 494 4.20 -17.14 5.09
N GLY B 495 3.90 -18.41 5.41
CA GLY B 495 4.16 -18.98 6.74
C GLY B 495 4.95 -20.25 6.66
N VAL B 496 5.46 -20.73 7.78
CA VAL B 496 6.22 -21.97 7.84
C VAL B 496 5.73 -22.85 8.92
N VAL B 497 5.78 -24.14 8.65
CA VAL B 497 5.30 -25.11 9.60
C VAL B 497 6.36 -26.23 9.65
N PRO B 498 6.79 -26.61 10.87
CA PRO B 498 7.76 -27.71 11.06
C PRO B 498 7.05 -28.99 10.65
N VAL B 499 7.69 -29.79 9.78
CA VAL B 499 7.01 -31.02 9.36
C VAL B 499 7.77 -32.30 9.61
N THR B 500 9.07 -32.25 9.87
CA THR B 500 9.86 -33.46 10.10
C THR B 500 11.13 -33.02 10.80
N THR B 501 12.10 -33.95 10.99
CA THR B 501 13.43 -33.61 11.55
C THR B 501 14.44 -34.33 10.63
N VAL B 502 15.66 -33.82 10.55
CA VAL B 502 16.76 -34.37 9.81
C VAL B 502 17.10 -35.80 10.29
N THR B 503 17.11 -36.75 9.35
CA THR B 503 17.52 -38.09 9.74
C THR B 503 18.99 -38.19 9.43
N ALA B 504 19.62 -39.24 9.93
CA ALA B 504 21.02 -39.48 9.55
C ALA B 504 21.17 -39.73 8.07
N GLU B 505 20.19 -40.40 7.48
CA GLU B 505 20.15 -40.64 6.05
C GLU B 505 20.18 -39.34 5.26
N ASP B 506 19.29 -38.38 5.63
CA ASP B 506 19.29 -36.99 5.02
C ASP B 506 20.59 -36.33 5.25
N ASP B 507 21.16 -36.51 6.44
CA ASP B 507 22.43 -35.76 6.77
C ASP B 507 23.65 -36.25 5.98
N ALA B 508 23.79 -37.57 5.92
CA ALA B 508 24.83 -38.24 5.09
C ALA B 508 24.68 -37.81 3.64
N GLN B 509 23.45 -37.65 3.18
CA GLN B 509 23.27 -37.15 1.77
C GLN B 509 23.78 -35.74 1.46
N MET B 510 24.08 -34.93 2.50
CA MET B 510 24.72 -33.64 2.29
C MET B 510 26.10 -33.77 1.66
N GLU B 511 26.79 -34.94 1.81
CA GLU B 511 28.06 -35.13 1.11
C GLU B 511 27.90 -35.10 -0.39
N LEU B 512 26.70 -35.35 -0.87
CA LEU B 512 26.49 -35.31 -2.34
C LEU B 512 25.97 -33.93 -2.85
N TYR B 513 25.71 -33.01 -1.93
CA TYR B 513 25.10 -31.71 -2.28
C TYR B 513 26.15 -30.87 -3.02
N LYS B 514 25.86 -30.39 -4.21
CA LYS B 514 26.82 -29.49 -4.88
C LYS B 514 26.39 -28.02 -4.99
N GLY B 515 25.08 -27.76 -4.89
CA GLY B 515 24.55 -26.45 -5.25
C GLY B 515 24.40 -26.36 -6.76
N TYR B 516 23.63 -25.39 -7.25
CA TYR B 516 23.49 -25.28 -8.69
C TYR B 516 24.62 -24.48 -9.33
N PHE B 517 25.38 -23.77 -8.53
CA PHE B 517 26.33 -22.80 -9.06
C PHE B 517 27.75 -23.16 -8.72
N GLY B 518 27.96 -23.81 -7.56
CA GLY B 518 29.28 -24.21 -7.15
C GLY B 518 30.13 -22.99 -6.72
N ASP B 519 29.52 -21.84 -6.45
CA ASP B 519 30.20 -20.65 -5.97
C ASP B 519 30.33 -20.68 -4.46
N ILE B 520 30.93 -19.65 -3.88
CA ILE B 520 31.18 -19.63 -2.43
C ILE B 520 29.94 -19.80 -1.59
N TRP B 521 28.83 -19.24 -2.06
CA TRP B 521 27.58 -19.35 -1.34
C TRP B 521 27.15 -20.80 -1.31
N ASP B 522 27.25 -21.51 -2.45
CA ASP B 522 26.91 -22.94 -2.39
C ASP B 522 27.84 -23.74 -1.47
N ILE B 523 29.12 -23.42 -1.51
CA ILE B 523 30.14 -24.15 -0.70
C ILE B 523 29.92 -23.95 0.80
N ILE B 524 29.69 -22.69 1.20
CA ILE B 524 29.35 -22.39 2.59
C ILE B 524 28.05 -23.05 3.04
N LEU B 525 27.02 -23.00 2.18
CA LEU B 525 25.75 -23.54 2.56
C LEU B 525 25.90 -25.05 2.82
N LYS B 526 26.61 -25.71 1.92
CA LYS B 526 26.83 -27.15 2.05
C LYS B 526 27.41 -27.51 3.43
N LYS B 527 28.50 -26.85 3.80
CA LYS B 527 29.11 -27.13 5.07
C LYS B 527 28.17 -26.72 6.21
N ALA B 528 27.48 -25.59 6.04
CA ALA B 528 26.70 -25.03 7.17
C ALA B 528 25.49 -25.88 7.50
N MET B 529 24.99 -26.60 6.50
CA MET B 529 23.82 -27.47 6.76
C MET B 529 24.16 -28.90 7.25
N LYS B 530 25.46 -29.21 7.29
CA LYS B 530 25.91 -30.55 7.76
C LYS B 530 25.76 -30.56 9.25
N ASN B 531 25.88 -31.76 9.85
CA ASN B 531 25.73 -31.94 11.29
C ASN B 531 24.39 -31.53 11.90
N SER B 532 23.31 -32.01 11.31
CA SER B 532 22.01 -31.44 11.66
C SER B 532 21.01 -32.47 12.02
N VAL B 533 21.50 -33.71 12.29
CA VAL B 533 20.61 -34.81 12.63
C VAL B 533 19.78 -34.43 13.81
N GLY B 534 18.46 -34.69 13.74
CA GLY B 534 17.61 -34.36 14.85
C GLY B 534 17.00 -32.93 14.76
N LEU B 535 17.55 -32.08 13.90
CA LEU B 535 17.02 -30.70 13.75
C LEU B 535 15.68 -30.58 12.96
N PRO B 536 14.85 -29.61 13.36
CA PRO B 536 13.53 -29.53 12.67
C PRO B 536 13.67 -28.95 11.26
N VAL B 537 12.74 -29.31 10.40
CA VAL B 537 12.75 -28.88 9.01
C VAL B 537 11.27 -28.59 8.64
N ALA B 538 11.08 -27.49 7.87
CA ALA B 538 9.79 -26.85 7.64
C ALA B 538 9.51 -26.93 6.17
N VAL B 539 8.23 -26.70 5.81
CA VAL B 539 7.84 -26.24 4.47
C VAL B 539 7.25 -24.81 4.59
N GLN B 540 7.15 -24.09 3.46
CA GLN B 540 6.57 -22.75 3.46
C GLN B 540 5.19 -22.83 2.73
N CYS B 541 4.18 -22.17 3.32
CA CYS B 541 2.86 -22.01 2.70
C CYS B 541 2.57 -20.58 2.34
N VAL B 542 2.09 -20.39 1.11
CA VAL B 542 1.94 -19.08 0.44
C VAL B 542 0.50 -18.92 0.00
N ALA B 543 -0.05 -17.71 0.14
CA ALA B 543 -1.34 -17.42 -0.50
C ALA B 543 -1.22 -16.05 -1.18
N LEU B 544 -2.31 -15.59 -1.81
CA LEU B 544 -2.24 -14.29 -2.53
C LEU B 544 -2.25 -13.09 -1.51
N PRO B 545 -1.88 -11.88 -1.95
CA PRO B 545 -2.06 -10.73 -1.02
C PRO B 545 -3.43 -10.69 -0.32
N TRP B 546 -3.37 -10.38 0.95
CA TRP B 546 -4.54 -10.25 1.79
C TRP B 546 -5.21 -11.56 2.15
N GLN B 547 -4.59 -12.68 1.77
CA GLN B 547 -5.20 -13.99 2.03
C GLN B 547 -4.49 -14.69 3.21
N GLU B 548 -4.19 -13.93 4.27
CA GLU B 548 -3.65 -14.52 5.52
C GLU B 548 -4.49 -15.68 6.03
N GLU B 549 -5.80 -15.55 6.02
CA GLU B 549 -6.65 -16.62 6.61
C GLU B 549 -6.58 -17.91 5.80
N LEU B 550 -6.48 -17.79 4.48
CA LEU B 550 -6.37 -18.96 3.67
C LEU B 550 -4.95 -19.53 3.85
N CYS B 551 -3.95 -18.64 3.92
CA CYS B 551 -2.58 -19.11 4.13
C CYS B 551 -2.53 -19.98 5.42
N LEU B 552 -3.20 -19.48 6.44
CA LEU B 552 -3.28 -20.16 7.75
C LEU B 552 -4.10 -21.46 7.66
N ARG B 553 -5.18 -21.44 6.84
CA ARG B 553 -6.02 -22.61 6.67
C ARG B 553 -5.14 -23.73 6.08
N PHE B 554 -4.33 -23.40 5.09
CA PHE B 554 -3.41 -24.35 4.49
C PHE B 554 -2.30 -24.84 5.47
N MET B 555 -1.74 -23.90 6.23
CA MET B 555 -0.77 -24.25 7.24
C MET B 555 -1.32 -25.24 8.27
N ARG B 556 -2.54 -24.99 8.75
CA ARG B 556 -3.21 -25.84 9.69
C ARG B 556 -3.32 -27.25 9.05
N GLU B 557 -3.55 -27.30 7.75
CA GLU B 557 -3.74 -28.59 7.12
C GLU B 557 -2.41 -29.30 7.08
N VAL B 558 -1.33 -28.60 6.72
CA VAL B 558 -0.04 -29.24 6.67
C VAL B 558 0.30 -29.77 8.09
N GLU B 559 0.12 -28.92 9.08
CA GLU B 559 0.41 -29.27 10.47
C GLU B 559 -0.38 -30.51 10.89
N GLN B 560 -1.68 -30.52 10.63
CA GLN B 560 -2.49 -31.70 10.97
C GLN B 560 -2.00 -32.97 10.26
N LEU B 561 -1.69 -32.86 8.97
CA LEU B 561 -1.29 -33.99 8.20
C LEU B 561 0.08 -34.52 8.54
N MET B 562 1.02 -33.64 8.82
CA MET B 562 2.43 -34.03 8.96
C MET B 562 2.81 -34.36 10.38
N THR B 563 2.13 -33.76 11.32
CA THR B 563 2.50 -33.91 12.71
C THR B 563 1.19 -34.05 13.37
N PRO B 564 0.51 -35.19 13.15
CA PRO B 564 -0.86 -35.28 13.68
C PRO B 564 -0.86 -35.17 15.21
N GLN B 565 0.17 -35.76 15.85
CA GLN B 565 0.23 -35.84 17.35
C GLN B 565 1.29 -34.93 18.03
CL CL C . -2.60 -1.06 1.10
N OHO D . -4.13 16.55 -11.92
C OHO D . -4.96 15.61 -11.49
O OHO D . -4.81 14.93 -10.46
C1 OHO D . -3.03 17.00 -11.10
C2 OHO D . -3.04 18.51 -11.07
C3 OHO D . -1.83 19.10 -10.33
C4 OHO D . -0.47 18.57 -10.75
C5 OHO D . -0.56 17.04 -10.74
C6 OHO D . -1.68 16.54 -11.68
CL 0LA E . 3.70 20.03 -8.69
C3 0LA E . 3.43 21.02 -10.15
C2 0LA E . 2.43 20.60 -11.04
C1 0LA E . 2.18 21.31 -12.18
C9A 0LA E . 2.95 22.44 -12.41
N9 0LA E . 2.95 23.38 -13.42
C4 0LA E . 4.22 22.15 -10.36
C4A 0LA E . 3.94 22.87 -11.50
C4B 0LA E . 4.53 24.03 -11.97
C5 0LA E . 5.56 24.82 -11.42
C6 0LA E . 5.91 25.96 -12.18
C8A 0LA E . 3.90 24.36 -13.20
C8 0LA E . 4.27 25.48 -13.92
C7 0LA E . 5.28 26.29 -13.41
C10 0LA E . 5.62 27.52 -14.22
C14 0LA E . 6.69 28.40 -13.58
C11 0LA E . 4.35 28.37 -14.34
O13 0LA E . 3.65 28.28 -15.39
O12 0LA E . 4.02 29.10 -13.38
N OHO F . 16.33 -10.84 7.48
C OHO F . 15.06 -10.65 7.85
O OHO F . 14.12 -10.49 7.08
C1 OHO F . 16.66 -10.55 6.08
C2 OHO F . 17.72 -11.52 5.54
C3 OHO F . 18.00 -11.17 4.07
C4 OHO F . 18.31 -9.72 3.70
C5 OHO F . 17.37 -8.73 4.45
C6 OHO F . 17.18 -9.11 5.93
CL 0LA G . 20.26 -8.57 -0.21
C3 0LA G . 21.76 -9.02 0.67
C2 0LA G . 21.64 -9.19 2.05
C1 0LA G . 22.77 -9.56 2.78
C9A 0LA G . 24.00 -9.76 2.10
N9 0LA G . 25.26 -10.12 2.53
C4 0LA G . 22.98 -9.20 -0.04
C4A 0LA G . 24.10 -9.57 0.72
C4B 0LA G . 25.41 -9.84 0.32
C5 0LA G . 25.97 -9.82 -0.97
C6 0LA G . 27.33 -10.14 -1.06
C8A 0LA G . 26.15 -10.19 1.47
C8 0LA G . 27.51 -10.51 1.35
C7 0LA G . 28.10 -10.50 0.08
C10 0LA G . 29.58 -10.91 -0.02
C14 0LA G . 30.11 -11.17 -1.46
C11 0LA G . 29.79 -12.29 0.65
O13 0LA G . 30.73 -12.44 1.48
O12 0LA G . 29.05 -13.25 0.36
#